data_8B8T
#
_entry.id   8B8T
#
_cell.length_a   1.00
_cell.length_b   1.00
_cell.length_c   1.00
_cell.angle_alpha   90.00
_cell.angle_beta   90.00
_cell.angle_gamma   90.00
#
_symmetry.space_group_name_H-M   'P 1'
#
loop_
_entity.id
_entity.type
_entity.pdbx_description
1 polymer 'DNA ligase 1'
2 polymer 'Proliferating cell nuclear antigen'
#
loop_
_entity_poly.entity_id
_entity_poly.type
_entity_poly.pdbx_seq_one_letter_code
_entity_poly.pdbx_strand_id
1 'polypeptide(L)'
;DPSGYNPAKNNYHPVEDACWKPGQKVPYLAVARTFEKIEEVSARLRMVETLSNLLRSVVALSPPDLLPVLYLSLNHLGPP
QQGLELGVGDGVLLKAVAQATGRQLESVRAEAAEKGDVGLVAENSRSTQRLMLPPPPLTASGVFSKFRDIARLTGSASTA
KKIDIIKGLFVACRHSEARFIARSLSGRLRLGLAEQSVLAALSQAVSLTPPGQEFPPAMVDAGKGKTAEARKTWLEEQGM
ILKQTFCEVPDLDRIIPVLLEHGLERLPEHCKLS
;
A
2 'polypeptide(L)'
;GPHMFEARLVQGSILKKVLEALKDLINEACWDISSSGVNLQSMDSSHVSLVQLTLRSEGFDTYRCDRNLAMGVNLTSMSK
ILKCAGNEDIITLRAEDNADTLALVFEAPNQEKVSDYEMKLMDLDVEQLGIPEQEYSCVVKMPSGEFARICRDLSHIGDA
VVISCAKDGVKFSASGELGNGNIKLSQTSNVDKEEEAVTIEMNEPVQLTFALRYLNFFTKATPLSSTVTLSMSADVPLVV
EYKIADMGHLKYYLAPKI
;
E,F,G
#
# COMPACT_ATOMS: atom_id res chain seq x y z
N TYR A 5 12.14 32.12 -29.36
CA TYR A 5 12.73 31.59 -30.60
C TYR A 5 11.66 31.22 -31.60
N ASN A 6 11.68 31.84 -32.79
CA ASN A 6 10.72 31.61 -33.87
C ASN A 6 11.37 31.56 -35.27
N PRO A 7 10.87 30.67 -36.12
CA PRO A 7 11.29 30.51 -37.52
C PRO A 7 10.18 30.84 -38.54
N ALA A 8 9.02 31.30 -38.06
CA ALA A 8 7.85 31.63 -38.88
C ALA A 8 7.93 32.99 -39.60
N LYS A 9 8.83 33.88 -39.18
CA LYS A 9 9.00 35.19 -39.79
C LYS A 9 9.40 35.08 -41.27
N ASN A 10 8.84 35.94 -42.13
CA ASN A 10 9.24 35.99 -43.53
C ASN A 10 10.69 36.45 -43.68
N ASN A 11 11.42 35.84 -44.62
CA ASN A 11 12.87 36.02 -44.80
C ASN A 11 13.68 35.79 -43.51
N TYR A 12 13.35 34.74 -42.74
CA TYR A 12 14.10 34.34 -41.55
C TYR A 12 15.55 33.93 -41.87
N HIS A 13 16.50 34.22 -40.97
CA HIS A 13 17.93 34.07 -41.22
C HIS A 13 18.55 32.97 -40.35
N PRO A 14 19.15 31.92 -40.95
CA PRO A 14 19.72 30.81 -40.18
C PRO A 14 20.94 31.19 -39.32
N VAL A 15 21.56 32.34 -39.59
CA VAL A 15 22.66 32.89 -38.81
C VAL A 15 22.17 33.69 -37.60
N GLU A 16 21.64 34.90 -37.83
CA GLU A 16 21.31 35.86 -36.78
C GLU A 16 20.02 35.55 -35.98
N ASP A 17 19.19 34.59 -36.42
CA ASP A 17 17.97 34.17 -35.70
C ASP A 17 18.09 32.84 -34.93
N ALA A 18 19.29 32.24 -34.83
CA ALA A 18 19.53 31.03 -34.05
C ALA A 18 19.25 31.23 -32.54
N CYS A 19 18.83 30.17 -31.86
CA CYS A 19 18.50 30.21 -30.44
C CYS A 19 19.64 29.80 -29.49
N TRP A 20 20.80 29.39 -30.00
CA TRP A 20 21.94 28.94 -29.20
C TRP A 20 23.28 29.39 -29.79
N LYS A 21 24.30 29.52 -28.93
CA LYS A 21 25.65 29.93 -29.33
C LYS A 21 26.40 28.82 -30.11
N PRO A 22 27.36 29.18 -30.98
CA PRO A 22 28.20 28.22 -31.68
C PRO A 22 29.01 27.38 -30.68
N GLY A 23 29.16 26.08 -30.96
CA GLY A 23 29.83 25.14 -30.07
C GLY A 23 29.02 24.75 -28.80
N GLN A 24 27.74 25.14 -28.72
CA GLN A 24 26.79 24.68 -27.71
C GLN A 24 25.83 23.62 -28.26
N LYS A 25 25.53 22.58 -27.47
CA LYS A 25 24.64 21.49 -27.86
C LYS A 25 23.20 21.95 -28.15
N VAL A 26 22.57 21.35 -29.15
CA VAL A 26 21.26 21.81 -29.67
C VAL A 26 20.16 21.61 -28.61
N PRO A 27 19.38 22.65 -28.26
CA PRO A 27 18.31 22.56 -27.27
C PRO A 27 17.02 22.01 -27.88
N TYR A 28 16.25 21.24 -27.11
CA TYR A 28 14.97 20.73 -27.58
C TYR A 28 13.86 21.80 -27.61
N LEU A 29 13.97 22.90 -26.88
CA LEU A 29 12.90 23.91 -26.80
C LEU A 29 12.55 24.53 -28.17
N ALA A 30 13.56 24.82 -28.99
CA ALA A 30 13.39 25.33 -30.35
C ALA A 30 12.71 24.30 -31.27
N VAL A 31 13.05 23.02 -31.10
CA VAL A 31 12.43 21.90 -31.80
C VAL A 31 10.94 21.81 -31.45
N ALA A 32 10.57 21.77 -30.18
CA ALA A 32 9.18 21.74 -29.74
C ALA A 32 8.40 22.97 -30.22
N ARG A 33 8.95 24.17 -30.02
CA ARG A 33 8.33 25.42 -30.47
C ARG A 33 8.08 25.44 -31.99
N THR A 34 8.95 24.79 -32.75
CA THR A 34 8.75 24.60 -34.18
C THR A 34 7.60 23.63 -34.46
N PHE A 35 7.55 22.49 -33.77
CA PHE A 35 6.51 21.49 -34.00
C PHE A 35 5.09 22.06 -33.75
N GLU A 36 4.92 22.88 -32.71
CA GLU A 36 3.63 23.57 -32.49
C GLU A 36 3.36 24.71 -33.48
N LYS A 37 4.37 25.45 -33.93
CA LYS A 37 4.19 26.44 -34.98
C LYS A 37 3.77 25.80 -36.31
N ILE A 38 4.32 24.63 -36.65
CA ILE A 38 3.91 23.82 -37.80
C ILE A 38 2.46 23.36 -37.64
N GLU A 39 2.07 22.85 -36.47
CA GLU A 39 0.70 22.45 -36.20
C GLU A 39 -0.32 23.60 -36.37
N GLU A 40 0.10 24.85 -36.18
CA GLU A 40 -0.72 26.05 -36.41
C GLU A 40 -0.82 26.52 -37.88
N VAL A 41 -0.03 25.99 -38.82
CA VAL A 41 -0.10 26.33 -40.25
C VAL A 41 -0.36 25.12 -41.14
N SER A 42 -1.48 25.10 -41.87
CA SER A 42 -1.88 23.95 -42.71
C SER A 42 -1.11 23.84 -44.04
N ALA A 43 -0.31 24.85 -44.43
CA ALA A 43 0.41 24.86 -45.71
C ALA A 43 1.66 23.96 -45.68
N ARG A 44 1.69 22.91 -46.51
CA ARG A 44 2.82 21.98 -46.61
C ARG A 44 4.13 22.66 -47.06
N LEU A 45 4.05 23.67 -47.95
CA LEU A 45 5.22 24.44 -48.38
C LEU A 45 5.77 25.36 -47.27
N ARG A 46 4.90 26.01 -46.50
CA ARG A 46 5.30 26.83 -45.35
C ARG A 46 5.90 25.97 -44.21
N MET A 47 5.35 24.78 -43.97
CA MET A 47 5.96 23.79 -43.09
C MET A 47 7.36 23.39 -43.60
N VAL A 48 7.48 22.99 -44.87
CA VAL A 48 8.77 22.61 -45.44
C VAL A 48 9.81 23.73 -45.34
N GLU A 49 9.43 24.98 -45.60
CA GLU A 49 10.30 26.16 -45.41
C GLU A 49 10.74 26.34 -43.95
N THR A 50 9.84 26.09 -43.00
CA THR A 50 10.18 26.13 -41.57
C THR A 50 11.22 25.06 -41.23
N LEU A 51 11.01 23.80 -41.64
CA LEU A 51 12.00 22.74 -41.42
C LEU A 51 13.33 23.03 -42.12
N SER A 52 13.30 23.62 -43.33
CA SER A 52 14.52 24.05 -44.00
C SER A 52 15.28 25.12 -43.20
N ASN A 53 14.58 26.05 -42.53
CA ASN A 53 15.23 27.04 -41.68
C ASN A 53 15.91 26.40 -40.45
N LEU A 54 15.23 25.45 -39.81
CA LEU A 54 15.80 24.65 -38.72
C LEU A 54 17.04 23.89 -39.18
N LEU A 55 16.91 23.04 -40.19
CA LEU A 55 18.02 22.23 -40.66
C LEU A 55 19.19 23.10 -41.12
N ARG A 56 18.93 24.21 -41.83
CA ARG A 56 19.98 25.15 -42.22
C ARG A 56 20.71 25.74 -41.02
N SER A 57 20.00 26.11 -39.95
CA SER A 57 20.62 26.58 -38.71
C SER A 57 21.43 25.48 -38.01
N VAL A 58 20.92 24.25 -37.98
CA VAL A 58 21.61 23.09 -37.40
C VAL A 58 22.92 22.77 -38.11
N VAL A 59 22.94 22.73 -39.44
CA VAL A 59 24.19 22.51 -40.21
C VAL A 59 25.14 23.70 -40.09
N ALA A 60 24.64 24.91 -39.83
CA ALA A 60 25.49 26.08 -39.65
C ALA A 60 26.24 26.09 -38.30
N LEU A 61 25.67 25.51 -37.23
CA LEU A 61 26.28 25.50 -35.89
C LEU A 61 26.80 24.13 -35.43
N SER A 62 26.04 23.06 -35.65
CA SER A 62 26.32 21.71 -35.17
C SER A 62 26.10 20.66 -36.28
N PRO A 63 26.95 20.61 -37.31
CA PRO A 63 26.88 19.61 -38.37
C PRO A 63 26.75 18.14 -37.92
N PRO A 64 27.36 17.69 -36.81
CA PRO A 64 27.15 16.33 -36.31
C PRO A 64 25.73 16.07 -35.77
N ASP A 65 24.99 17.12 -35.38
CA ASP A 65 23.70 16.98 -34.70
C ASP A 65 22.51 16.66 -35.63
N LEU A 66 22.75 16.49 -36.93
CA LEU A 66 21.68 16.31 -37.91
C LEU A 66 21.01 14.93 -37.84
N LEU A 67 21.75 13.85 -37.57
CA LEU A 67 21.16 12.52 -37.43
C LEU A 67 20.09 12.44 -36.33
N PRO A 68 20.35 12.89 -35.08
CA PRO A 68 19.34 12.87 -34.04
C PRO A 68 18.13 13.72 -34.39
N VAL A 69 18.29 14.99 -34.81
CA VAL A 69 17.13 15.86 -35.05
C VAL A 69 16.24 15.33 -36.17
N LEU A 70 16.82 14.77 -37.23
CA LEU A 70 16.05 14.06 -38.25
C LEU A 70 15.36 12.80 -37.67
N TYR A 71 16.07 11.98 -36.89
CA TYR A 71 15.48 10.77 -36.33
C TYR A 71 14.28 11.05 -35.43
N LEU A 72 14.38 12.07 -34.56
CA LEU A 72 13.24 12.60 -33.80
C LEU A 72 12.12 13.05 -34.73
N SER A 73 12.43 13.83 -35.77
CA SER A 73 11.38 14.38 -36.66
C SER A 73 10.59 13.28 -37.37
N LEU A 74 11.22 12.13 -37.68
CA LEU A 74 10.61 10.95 -38.27
C LEU A 74 10.12 9.91 -37.24
N ASN A 75 10.34 10.17 -35.94
CA ASN A 75 10.15 9.28 -34.79
C ASN A 75 10.82 7.89 -34.89
N HIS A 76 11.79 7.72 -35.79
CA HIS A 76 12.57 6.49 -35.96
C HIS A 76 13.64 6.36 -34.87
N LEU A 77 13.74 5.21 -34.21
CA LEU A 77 14.40 5.07 -32.91
C LEU A 77 15.91 5.33 -32.91
N GLY A 89 3.41 1.82 -23.35
CA GLY A 89 1.96 1.88 -23.41
C GLY A 89 1.37 3.11 -22.71
N ASP A 90 0.13 3.47 -23.04
CA ASP A 90 -0.53 4.67 -22.53
C ASP A 90 -0.73 4.66 -21.00
N GLY A 91 -0.94 3.49 -20.40
CA GLY A 91 -1.04 3.35 -18.95
C GLY A 91 0.29 3.58 -18.21
N VAL A 92 1.40 3.11 -18.77
CA VAL A 92 2.75 3.39 -18.25
C VAL A 92 3.04 4.89 -18.32
N LEU A 93 2.71 5.54 -19.44
CA LEU A 93 2.82 6.98 -19.63
C LEU A 93 2.01 7.74 -18.56
N LEU A 94 0.72 7.42 -18.41
CA LEU A 94 -0.11 8.09 -17.42
C LEU A 94 0.39 7.86 -15.98
N LYS A 95 0.91 6.68 -15.67
CA LYS A 95 1.51 6.37 -14.37
C LYS A 95 2.77 7.20 -14.12
N ALA A 96 3.66 7.29 -15.11
CA ALA A 96 4.87 8.11 -15.02
C ALA A 96 4.56 9.61 -14.92
N VAL A 97 3.57 10.11 -15.68
CA VAL A 97 3.13 11.49 -15.56
C VAL A 97 2.58 11.76 -14.15
N ALA A 98 1.74 10.88 -13.61
CA ALA A 98 1.18 11.03 -12.25
C ALA A 98 2.27 10.98 -11.18
N GLN A 99 3.23 10.07 -11.30
CA GLN A 99 4.34 9.93 -10.37
C GLN A 99 5.26 11.16 -10.40
N ALA A 100 5.50 11.76 -11.58
CA ALA A 100 6.38 12.91 -11.72
C ALA A 100 5.72 14.29 -11.55
N THR A 101 4.38 14.38 -11.60
CA THR A 101 3.65 15.64 -11.55
C THR A 101 2.83 15.86 -10.25
N GLY A 102 2.93 14.95 -9.28
CA GLY A 102 2.12 14.99 -8.06
C GLY A 102 0.64 14.68 -8.30
N ARG A 103 -0.26 15.19 -7.45
CA ARG A 103 -1.66 14.74 -7.41
C ARG A 103 -1.76 13.21 -7.19
N GLN A 104 -2.84 12.56 -7.63
CA GLN A 104 -3.02 11.11 -7.48
C GLN A 104 -3.35 10.45 -8.80
N LEU A 105 -2.80 9.26 -9.07
CA LEU A 105 -2.98 8.55 -10.34
C LEU A 105 -4.44 8.34 -10.72
N GLU A 106 -5.30 8.06 -9.74
CA GLU A 106 -6.74 7.92 -9.96
C GLU A 106 -7.42 9.28 -10.25
N SER A 107 -7.07 10.33 -9.51
CA SER A 107 -7.62 11.68 -9.70
C SER A 107 -7.24 12.29 -11.05
N VAL A 108 -5.96 12.23 -11.44
CA VAL A 108 -5.51 12.70 -12.75
C VAL A 108 -6.06 11.83 -13.88
N ARG A 109 -6.34 10.54 -13.65
CA ARG A 109 -7.02 9.67 -14.62
C ARG A 109 -8.43 10.15 -14.97
N ALA A 110 -9.15 10.80 -14.04
CA ALA A 110 -10.40 11.47 -14.38
C ALA A 110 -10.14 12.70 -15.26
N GLU A 111 -9.10 13.49 -14.96
CA GLU A 111 -8.70 14.63 -15.79
C GLU A 111 -8.31 14.22 -17.21
N ALA A 112 -7.72 13.03 -17.39
CA ALA A 112 -7.37 12.46 -18.69
C ALA A 112 -8.60 12.07 -19.55
N ALA A 113 -9.76 11.85 -18.95
CA ALA A 113 -11.00 11.65 -19.68
C ALA A 113 -11.67 13.00 -20.04
N GLU A 114 -12.52 12.98 -21.08
CA GLU A 114 -13.22 14.13 -21.66
C GLU A 114 -12.33 15.21 -22.33
N LYS A 115 -11.12 15.43 -21.83
CA LYS A 115 -10.07 16.22 -22.46
C LYS A 115 -9.38 15.48 -23.62
N GLY A 116 -8.44 16.15 -24.30
CA GLY A 116 -7.59 15.54 -25.31
C GLY A 116 -6.56 14.54 -24.76
N ASP A 117 -5.52 14.25 -25.56
CA ASP A 117 -4.45 13.33 -25.22
C ASP A 117 -3.71 13.68 -23.92
N VAL A 118 -3.03 12.68 -23.34
CA VAL A 118 -2.29 12.76 -22.07
C VAL A 118 -1.31 13.95 -22.04
N GLY A 119 -0.74 14.31 -23.18
CA GLY A 119 0.15 15.47 -23.33
C GLY A 119 -0.46 16.78 -22.84
N LEU A 120 -1.77 17.02 -23.03
CA LEU A 120 -2.41 18.27 -22.56
C LEU A 120 -2.67 18.26 -21.05
N VAL A 121 -2.90 17.10 -20.45
CA VAL A 121 -2.92 16.97 -18.98
C VAL A 121 -1.51 17.19 -18.43
N ALA A 122 -0.50 16.58 -19.05
CA ALA A 122 0.89 16.69 -18.64
C ALA A 122 1.39 18.14 -18.69
N GLU A 123 1.25 18.82 -19.82
CA GLU A 123 1.68 20.21 -19.96
C GLU A 123 0.90 21.14 -19.04
N ASN A 124 -0.42 20.95 -18.89
CA ASN A 124 -1.18 21.77 -17.96
C ASN A 124 -0.73 21.55 -16.52
N SER A 125 -0.47 20.32 -16.09
CA SER A 125 0.06 20.08 -14.75
C SER A 125 1.42 20.77 -14.54
N ARG A 126 2.37 20.61 -15.47
CA ARG A 126 3.68 21.31 -15.40
C ARG A 126 3.54 22.83 -15.50
N SER A 127 2.45 23.34 -16.05
CA SER A 127 2.09 24.77 -15.98
C SER A 127 1.57 25.18 -14.61
N THR A 128 0.76 24.33 -13.98
CA THR A 128 0.10 24.63 -12.70
C THR A 128 1.07 24.64 -11.53
N GLN A 129 1.84 23.57 -11.29
CA GLN A 129 2.80 23.59 -10.20
C GLN A 129 3.92 24.58 -10.56
N ARG A 130 4.10 25.66 -9.79
CA ARG A 130 5.19 26.61 -10.00
C ARG A 130 6.58 26.00 -9.80
N LEU A 131 6.64 24.78 -9.26
CA LEU A 131 7.81 23.90 -9.22
C LEU A 131 8.96 24.51 -8.40
N MET A 132 10.05 23.77 -8.19
CA MET A 132 11.27 24.35 -7.60
C MET A 132 12.10 25.12 -8.65
N LEU A 133 13.42 25.20 -8.48
CA LEU A 133 14.39 25.73 -9.43
C LEU A 133 14.26 25.12 -10.85
N PRO A 134 14.62 25.88 -11.90
CA PRO A 134 14.66 25.35 -13.26
C PRO A 134 15.79 24.31 -13.45
N PRO A 135 15.49 23.05 -13.82
CA PRO A 135 16.51 22.05 -14.15
C PRO A 135 17.24 22.39 -15.46
N PRO A 136 18.35 21.70 -15.78
CA PRO A 136 19.06 21.88 -17.04
C PRO A 136 18.14 21.61 -18.24
N PRO A 137 18.10 22.47 -19.29
CA PRO A 137 17.31 22.21 -20.49
C PRO A 137 17.73 20.92 -21.19
N LEU A 138 16.75 20.11 -21.64
CA LEU A 138 17.02 18.86 -22.35
C LEU A 138 17.60 19.12 -23.76
N THR A 139 18.79 18.60 -24.03
CA THR A 139 19.41 18.66 -25.35
C THR A 139 18.92 17.53 -26.25
N ALA A 140 18.75 17.78 -27.54
CA ALA A 140 18.20 16.79 -28.48
C ALA A 140 18.99 15.47 -28.51
N SER A 141 20.33 15.52 -28.45
CA SER A 141 21.15 14.32 -28.38
C SER A 141 20.91 13.50 -27.11
N GLY A 142 20.79 14.17 -25.96
CA GLY A 142 20.41 13.54 -24.70
C GLY A 142 19.03 12.89 -24.79
N VAL A 143 18.03 13.61 -25.31
CA VAL A 143 16.68 13.08 -25.50
C VAL A 143 16.71 11.84 -26.39
N PHE A 144 17.26 11.94 -27.60
CA PHE A 144 17.31 10.82 -28.54
C PHE A 144 18.08 9.61 -28.00
N SER A 145 19.18 9.83 -27.29
CA SER A 145 19.93 8.75 -26.63
C SER A 145 19.07 8.04 -25.56
N LYS A 146 18.27 8.80 -24.79
CA LYS A 146 17.40 8.29 -23.73
C LYS A 146 16.26 7.46 -24.29
N PHE A 147 15.69 7.85 -25.43
CA PHE A 147 14.65 7.10 -26.12
C PHE A 147 15.11 5.71 -26.57
N ARG A 148 16.31 5.57 -27.12
CA ARG A 148 16.86 4.26 -27.51
C ARG A 148 17.05 3.32 -26.30
N ASP A 149 17.45 3.85 -25.15
CA ASP A 149 17.50 3.09 -23.90
C ASP A 149 16.10 2.76 -23.35
N ILE A 150 15.11 3.63 -23.56
CA ILE A 150 13.71 3.41 -23.18
C ILE A 150 13.02 2.30 -23.97
N ALA A 151 13.41 2.08 -25.23
CA ALA A 151 13.00 0.92 -26.04
C ALA A 151 13.87 -0.31 -25.73
N THR A 159 9.78 -2.57 -15.79
CA THR A 159 8.83 -1.45 -15.69
C THR A 159 9.38 -0.32 -14.82
N ALA A 160 10.05 -0.66 -13.73
CA ALA A 160 10.62 0.27 -12.78
C ALA A 160 11.69 1.16 -13.44
N LYS A 161 12.52 0.59 -14.32
CA LYS A 161 13.47 1.35 -15.13
C LYS A 161 12.76 2.37 -16.02
N LYS A 162 11.72 1.94 -16.74
CA LYS A 162 10.93 2.80 -17.61
C LYS A 162 10.29 3.98 -16.87
N ILE A 163 9.56 3.72 -15.78
CA ILE A 163 8.90 4.83 -15.06
C ILE A 163 9.91 5.81 -14.46
N ASP A 164 11.05 5.31 -13.97
CA ASP A 164 12.12 6.18 -13.43
C ASP A 164 12.71 7.12 -14.49
N ILE A 165 13.09 6.59 -15.67
CA ILE A 165 13.64 7.45 -16.73
C ILE A 165 12.59 8.39 -17.32
N ILE A 166 11.33 7.97 -17.46
CA ILE A 166 10.26 8.84 -17.98
C ILE A 166 9.92 9.95 -16.99
N LYS A 167 10.02 9.69 -15.68
CA LYS A 167 9.89 10.75 -14.67
C LYS A 167 10.93 11.85 -14.87
N GLY A 168 12.15 11.47 -15.24
CA GLY A 168 13.25 12.39 -15.54
C GLY A 168 13.03 13.23 -16.79
N LEU A 169 12.38 12.68 -17.83
CA LEU A 169 11.95 13.49 -18.98
C LEU A 169 10.93 14.54 -18.54
N PHE A 170 9.85 14.14 -17.86
CA PHE A 170 8.74 15.04 -17.60
C PHE A 170 9.11 16.19 -16.68
N VAL A 171 9.86 15.96 -15.60
CA VAL A 171 10.30 17.03 -14.69
C VAL A 171 11.17 18.09 -15.37
N ALA A 172 11.95 17.72 -16.38
CA ALA A 172 12.86 18.65 -17.06
C ALA A 172 12.15 19.61 -18.03
N CYS A 173 10.87 19.37 -18.37
CA CYS A 173 10.14 20.17 -19.35
C CYS A 173 10.02 21.65 -18.95
N ARG A 174 10.49 22.57 -19.80
CA ARG A 174 10.66 23.97 -19.41
C ARG A 174 9.47 24.91 -19.66
N HIS A 175 8.73 24.73 -20.75
CA HIS A 175 7.57 25.56 -21.11
C HIS A 175 6.44 24.75 -21.73
N SER A 176 6.69 24.09 -22.86
CA SER A 176 5.64 23.40 -23.63
C SER A 176 6.08 22.07 -24.28
N GLU A 177 7.34 21.65 -24.11
CA GLU A 177 7.89 20.44 -24.73
C GLU A 177 7.15 19.15 -24.34
N ALA A 178 6.49 19.13 -23.17
CA ALA A 178 5.82 17.96 -22.61
C ALA A 178 4.87 17.27 -23.60
N ARG A 179 4.08 18.03 -24.37
CA ARG A 179 3.14 17.47 -25.36
C ARG A 179 3.87 16.64 -26.41
N PHE A 180 4.94 17.18 -26.99
CA PHE A 180 5.73 16.50 -28.03
C PHE A 180 6.57 15.36 -27.48
N ILE A 181 6.99 15.42 -26.22
CA ILE A 181 7.61 14.28 -25.56
C ILE A 181 6.57 13.15 -25.42
N ALA A 182 5.38 13.43 -24.88
CA ALA A 182 4.32 12.43 -24.75
C ALA A 182 3.91 11.81 -26.10
N ARG A 183 3.70 12.63 -27.13
CA ARG A 183 3.42 12.15 -28.49
C ARG A 183 4.53 11.27 -29.04
N SER A 184 5.79 11.58 -28.75
CA SER A 184 6.93 10.74 -29.11
C SER A 184 6.88 9.39 -28.40
N LEU A 185 6.56 9.34 -27.11
CA LEU A 185 6.41 8.06 -26.39
C LEU A 185 5.19 7.25 -26.87
N SER A 186 4.09 7.91 -27.24
CA SER A 186 2.89 7.27 -27.79
C SER A 186 3.10 6.70 -29.22
N GLY A 187 4.19 7.06 -29.90
CA GLY A 187 4.51 6.58 -31.25
C GLY A 187 3.54 7.09 -32.33
N ARG A 188 2.93 8.26 -32.13
CA ARG A 188 1.87 8.81 -32.97
C ARG A 188 2.03 10.33 -33.09
N LEU A 189 3.23 10.76 -33.48
CA LEU A 189 3.60 12.18 -33.54
C LEU A 189 2.69 13.00 -34.43
N ARG A 190 2.31 12.46 -35.61
CA ARG A 190 1.31 13.00 -36.51
C ARG A 190 1.45 14.50 -36.79
N LEU A 191 2.70 14.97 -36.95
CA LEU A 191 3.05 16.38 -37.14
C LEU A 191 2.51 16.96 -38.45
N GLY A 192 2.03 16.10 -39.36
CA GLY A 192 1.43 16.48 -40.64
C GLY A 192 2.34 16.23 -41.84
N LEU A 193 3.61 15.89 -41.59
CA LEU A 193 4.60 15.47 -42.60
C LEU A 193 4.88 13.96 -42.49
N ALA A 194 5.79 13.48 -43.33
CA ALA A 194 6.27 12.10 -43.40
C ALA A 194 7.77 12.05 -43.76
N GLU A 195 8.39 10.88 -43.67
CA GLU A 195 9.80 10.68 -43.96
C GLU A 195 10.27 11.30 -45.30
N GLN A 196 9.54 11.12 -46.40
CA GLN A 196 9.92 11.75 -47.68
C GLN A 196 9.85 13.28 -47.65
N SER A 197 8.90 13.85 -46.89
CA SER A 197 8.78 15.31 -46.75
C SER A 197 10.00 15.87 -46.04
N VAL A 198 10.42 15.28 -44.92
CA VAL A 198 11.65 15.73 -44.25
C VAL A 198 12.90 15.41 -45.08
N LEU A 199 12.94 14.31 -45.83
CA LEU A 199 14.05 14.03 -46.76
C LEU A 199 14.19 15.14 -47.82
N ALA A 200 13.08 15.61 -48.38
CA ALA A 200 13.08 16.78 -49.24
C ALA A 200 13.42 18.07 -48.46
N ALA A 201 12.95 18.25 -47.22
CA ALA A 201 13.33 19.39 -46.40
C ALA A 201 14.85 19.46 -46.17
N LEU A 202 15.49 18.31 -45.92
CA LEU A 202 16.93 18.18 -45.87
C LEU A 202 17.58 18.51 -47.22
N SER A 203 16.98 18.08 -48.34
CA SER A 203 17.51 18.39 -49.66
C SER A 203 17.57 19.90 -49.95
N GLN A 204 16.51 20.66 -49.71
CA GLN A 204 16.63 22.11 -49.82
C GLN A 204 17.44 22.75 -48.70
N ALA A 205 17.48 22.19 -47.48
CA ALA A 205 18.37 22.66 -46.42
C ALA A 205 19.85 22.61 -46.86
N VAL A 206 20.33 21.45 -47.31
CA VAL A 206 21.69 21.28 -47.83
C VAL A 206 21.93 22.08 -49.12
N SER A 207 20.88 22.32 -49.92
CA SER A 207 20.97 23.17 -51.11
C SER A 207 21.17 24.65 -50.75
N LEU A 208 20.37 25.22 -49.84
CA LEU A 208 20.51 26.63 -49.46
C LEU A 208 21.75 26.88 -48.61
N THR A 209 22.21 25.89 -47.86
CA THR A 209 23.42 26.02 -47.04
C THR A 209 24.26 24.74 -47.13
N PRO A 210 25.19 24.67 -48.10
CA PRO A 210 26.10 23.54 -48.24
C PRO A 210 27.02 23.33 -47.02
N PRO A 211 27.40 22.08 -46.72
CA PRO A 211 28.35 21.75 -45.65
C PRO A 211 29.80 22.05 -46.06
N GLY A 212 30.75 21.83 -45.14
CA GLY A 212 32.17 22.06 -45.39
C GLY A 212 32.59 23.53 -45.44
N GLN A 213 31.71 24.45 -44.98
CA GLN A 213 32.01 25.88 -44.84
C GLN A 213 33.11 26.15 -43.79
N GLU A 214 33.81 27.27 -43.92
CA GLU A 214 34.77 27.76 -42.93
C GLU A 214 34.20 28.97 -42.19
N PHE A 215 34.09 28.89 -40.86
CA PHE A 215 33.42 29.91 -40.05
C PHE A 215 34.08 31.29 -40.21
N PRO A 216 33.31 32.39 -40.40
CA PRO A 216 31.86 32.41 -40.63
C PRO A 216 31.47 31.94 -42.04
N PRO A 217 30.39 31.15 -42.15
CA PRO A 217 29.88 30.65 -43.43
C PRO A 217 29.48 31.80 -44.37
N ALA A 218 30.18 31.94 -45.49
CA ALA A 218 29.93 33.02 -46.46
C ALA A 218 28.65 32.81 -47.29
N MET A 219 28.09 31.60 -47.28
CA MET A 219 26.85 31.21 -47.94
C MET A 219 25.72 31.05 -46.93
N VAL A 220 24.56 31.64 -47.23
CA VAL A 220 23.36 31.56 -46.39
C VAL A 220 22.08 31.26 -47.19
N ASP A 221 22.11 31.52 -48.50
CA ASP A 221 21.01 31.26 -49.42
C ASP A 221 21.52 31.10 -50.86
N ALA A 222 21.99 29.90 -51.21
CA ALA A 222 22.62 29.62 -52.51
C ALA A 222 21.74 29.93 -53.76
N GLY A 223 20.41 29.96 -53.59
CA GLY A 223 19.45 30.27 -54.65
C GLY A 223 19.30 31.76 -55.00
N LYS A 224 19.95 32.68 -54.28
CA LYS A 224 19.87 34.12 -54.56
C LYS A 224 20.34 34.46 -55.99
N GLY A 225 19.47 35.08 -56.79
CA GLY A 225 19.68 35.37 -58.21
C GLY A 225 19.13 34.31 -59.17
N LYS A 226 18.57 33.21 -58.69
CA LYS A 226 17.74 32.31 -59.50
C LYS A 226 16.28 32.81 -59.55
N THR A 227 15.63 32.64 -60.71
CA THR A 227 14.20 32.92 -60.87
C THR A 227 13.31 31.95 -60.07
N ALA A 228 12.02 32.26 -59.91
CA ALA A 228 11.07 31.40 -59.21
C ALA A 228 10.98 29.98 -59.82
N GLU A 229 10.87 29.88 -61.14
CA GLU A 229 10.87 28.60 -61.84
C GLU A 229 12.22 27.88 -61.76
N ALA A 230 13.34 28.61 -61.90
CA ALA A 230 14.69 28.06 -61.76
C ALA A 230 14.95 27.49 -60.36
N ARG A 231 14.54 28.22 -59.31
CA ARG A 231 14.64 27.78 -57.93
C ARG A 231 13.76 26.55 -57.65
N LYS A 232 12.53 26.51 -58.18
CA LYS A 232 11.63 25.36 -58.05
C LYS A 232 12.21 24.10 -58.73
N THR A 233 12.72 24.23 -59.96
CA THR A 233 13.39 23.16 -60.67
C THR A 233 14.71 22.70 -59.99
N TRP A 234 15.54 23.64 -59.54
CA TRP A 234 16.78 23.33 -58.83
C TRP A 234 16.53 22.55 -57.53
N LEU A 235 15.59 23.02 -56.70
CA LEU A 235 15.20 22.32 -55.49
C LEU A 235 14.63 20.93 -55.78
N GLU A 236 13.75 20.79 -56.78
CA GLU A 236 13.21 19.47 -57.14
C GLU A 236 14.30 18.50 -57.66
N GLU A 237 15.30 18.98 -58.41
CA GLU A 237 16.43 18.15 -58.85
C GLU A 237 17.35 17.74 -57.69
N GLN A 238 17.63 18.65 -56.75
CA GLN A 238 18.36 18.32 -55.53
C GLN A 238 17.60 17.29 -54.68
N GLY A 239 16.27 17.43 -54.55
CA GLY A 239 15.38 16.46 -53.87
C GLY A 239 15.36 15.09 -54.55
N MET A 240 15.38 15.06 -55.89
CA MET A 240 15.50 13.84 -56.68
C MET A 240 16.82 13.08 -56.44
N ILE A 241 17.94 13.78 -56.24
CA ILE A 241 19.22 13.17 -55.86
C ILE A 241 19.18 12.59 -54.45
N LEU A 242 18.49 13.22 -53.50
CA LEU A 242 18.38 12.71 -52.14
C LEU A 242 17.57 11.41 -52.08
N LYS A 243 16.36 11.40 -52.65
CA LYS A 243 15.46 10.24 -52.58
C LYS A 243 16.07 8.97 -53.22
N GLN A 244 16.77 9.11 -54.35
CA GLN A 244 17.45 7.99 -55.01
C GLN A 244 18.74 7.51 -54.30
N THR A 245 19.35 8.35 -53.46
CA THR A 245 20.64 8.04 -52.85
C THR A 245 20.51 7.16 -51.62
N ASP A 251 18.99 3.00 -45.05
CA ASP A 251 19.52 3.63 -43.85
C ASP A 251 20.14 5.01 -44.12
N LEU A 252 19.56 6.06 -43.53
CA LEU A 252 20.13 7.41 -43.58
C LEU A 252 21.39 7.58 -42.71
N ASP A 253 21.67 6.66 -41.78
CA ASP A 253 22.82 6.72 -40.87
C ASP A 253 24.19 6.73 -41.56
N ARG A 254 24.28 6.26 -42.81
CA ARG A 254 25.45 6.48 -43.69
C ARG A 254 25.24 7.55 -44.77
N ILE A 255 24.00 7.94 -45.09
CA ILE A 255 23.67 8.98 -46.08
C ILE A 255 24.07 10.37 -45.55
N ILE A 256 23.67 10.69 -44.33
CA ILE A 256 24.00 11.97 -43.70
C ILE A 256 25.51 12.23 -43.51
N PRO A 257 26.34 11.33 -42.94
CA PRO A 257 27.78 11.56 -42.83
C PRO A 257 28.47 11.68 -44.21
N VAL A 258 28.01 10.96 -45.24
CA VAL A 258 28.52 11.16 -46.58
C VAL A 258 28.10 12.52 -47.18
N LEU A 259 26.87 12.96 -46.93
CA LEU A 259 26.36 14.25 -47.42
C LEU A 259 27.15 15.43 -46.81
N LEU A 260 27.44 15.38 -45.51
CA LEU A 260 28.25 16.41 -44.83
C LEU A 260 29.76 16.28 -45.13
N GLU A 261 30.26 15.08 -45.42
CA GLU A 261 31.67 14.88 -45.78
C GLU A 261 31.99 15.19 -47.25
N HIS A 262 30.99 15.24 -48.13
CA HIS A 262 31.17 15.45 -49.59
C HIS A 262 30.06 16.35 -50.14
N LEU A 267 28.01 12.69 -54.40
CA LEU A 267 27.16 11.80 -53.63
C LEU A 267 26.67 10.55 -54.39
N PRO A 268 26.22 10.63 -55.66
CA PRO A 268 25.80 9.46 -56.42
C PRO A 268 26.91 8.44 -56.68
N GLU A 269 28.19 8.84 -56.66
CA GLU A 269 29.32 7.90 -56.69
C GLU A 269 29.74 7.43 -55.29
N HIS A 270 29.67 8.30 -54.27
CA HIS A 270 30.12 7.98 -52.91
C HIS A 270 29.21 6.97 -52.19
N CYS A 271 27.95 6.89 -52.61
CA CYS A 271 26.96 5.92 -52.14
C CYS A 271 26.33 5.18 -53.35
N LYS A 272 25.98 3.91 -53.18
CA LYS A 272 25.48 3.04 -54.26
C LYS A 272 24.51 1.97 -53.77
N MET B 4 -13.12 -50.22 18.78
CA MET B 4 -13.74 -48.89 19.05
C MET B 4 -12.70 -47.96 19.69
N PHE B 5 -12.54 -46.73 19.20
CA PHE B 5 -11.58 -45.75 19.78
C PHE B 5 -12.25 -44.42 20.11
N GLU B 6 -11.95 -43.88 21.28
CA GLU B 6 -12.37 -42.53 21.67
C GLU B 6 -11.32 -41.83 22.53
N ALA B 7 -11.33 -40.49 22.51
CA ALA B 7 -10.46 -39.65 23.31
C ALA B 7 -11.12 -38.31 23.67
N ARG B 8 -10.70 -37.70 24.78
CA ARG B 8 -11.14 -36.37 25.24
C ARG B 8 -9.97 -35.54 25.73
N LEU B 9 -10.04 -34.23 25.54
CA LEU B 9 -9.08 -33.28 26.09
C LEU B 9 -9.76 -32.00 26.57
N VAL B 10 -9.50 -31.62 27.82
CA VAL B 10 -9.98 -30.40 28.45
C VAL B 10 -9.27 -29.15 27.94
N GLN B 11 -7.96 -29.20 27.72
CA GLN B 11 -7.21 -28.08 27.15
C GLN B 11 -7.29 -28.10 25.62
N GLY B 12 -8.47 -27.81 25.07
CA GLY B 12 -8.76 -28.08 23.66
C GLY B 12 -7.99 -27.24 22.64
N SER B 13 -7.31 -26.17 23.06
CA SER B 13 -6.55 -25.32 22.13
C SER B 13 -5.29 -25.98 21.60
N ILE B 14 -4.66 -26.95 22.28
CA ILE B 14 -3.38 -27.47 21.78
C ILE B 14 -3.54 -28.18 20.43
N LEU B 15 -4.66 -28.86 20.16
CA LEU B 15 -4.86 -29.45 18.84
C LEU B 15 -4.99 -28.37 17.77
N LYS B 16 -5.67 -27.26 18.05
CA LYS B 16 -5.68 -26.13 17.11
C LYS B 16 -4.26 -25.69 16.79
N LYS B 17 -3.41 -25.57 17.80
CA LYS B 17 -2.03 -25.15 17.63
C LYS B 17 -1.21 -26.14 16.81
N VAL B 18 -1.26 -27.43 17.12
CA VAL B 18 -0.38 -28.39 16.41
C VAL B 18 -0.77 -28.52 14.94
N LEU B 19 -2.06 -28.45 14.59
CA LEU B 19 -2.46 -28.41 13.19
C LEU B 19 -2.15 -27.06 12.54
N GLU B 20 -2.26 -25.94 13.24
CA GLU B 20 -1.90 -24.63 12.67
C GLU B 20 -0.41 -24.55 12.35
N ALA B 21 0.46 -25.18 13.14
CA ALA B 21 1.87 -25.21 12.79
C ALA B 21 2.14 -26.10 11.55
N LEU B 22 1.42 -27.21 11.38
CA LEU B 22 1.66 -28.17 10.31
C LEU B 22 0.98 -27.90 8.97
N LYS B 23 -0.07 -27.08 8.89
CA LYS B 23 -0.78 -26.87 7.60
C LYS B 23 0.11 -26.36 6.47
N ASP B 24 1.17 -25.64 6.83
CA ASP B 24 2.07 -25.01 5.86
C ASP B 24 3.23 -25.92 5.43
N LEU B 25 3.45 -27.03 6.15
CA LEU B 25 4.62 -27.88 5.98
C LEU B 25 4.36 -29.15 5.16
N ILE B 26 3.22 -29.82 5.39
CA ILE B 26 2.82 -31.04 4.70
C ILE B 26 1.32 -31.04 4.40
N ASN B 27 0.86 -31.90 3.50
CA ASN B 27 -0.54 -31.95 3.07
C ASN B 27 -1.26 -33.28 3.28
N GLU B 28 -0.55 -34.38 3.47
CA GLU B 28 -1.14 -35.68 3.77
C GLU B 28 -0.29 -36.38 4.82
N ALA B 29 -0.93 -37.11 5.74
CA ALA B 29 -0.24 -37.80 6.81
C ALA B 29 -1.03 -39.01 7.32
N CYS B 30 -0.31 -39.96 7.91
CA CYS B 30 -0.86 -41.12 8.60
C CYS B 30 -0.98 -40.86 10.10
N TRP B 31 -2.20 -40.77 10.62
CA TRP B 31 -2.47 -40.83 12.06
C TRP B 31 -2.50 -42.29 12.49
N ASP B 32 -1.34 -42.84 12.85
CA ASP B 32 -1.27 -44.16 13.47
C ASP B 32 -1.79 -44.11 14.91
N ILE B 33 -2.54 -45.14 15.35
CA ILE B 33 -3.17 -45.17 16.66
C ILE B 33 -2.97 -46.54 17.31
N SER B 34 -2.67 -46.57 18.60
CA SER B 34 -2.34 -47.78 19.34
C SER B 34 -2.58 -47.61 20.83
N SER B 35 -2.47 -48.69 21.60
CA SER B 35 -2.65 -48.66 23.06
C SER B 35 -1.81 -47.63 23.80
N SER B 36 -0.62 -47.29 23.30
CA SER B 36 0.23 -46.25 23.91
C SER B 36 -0.32 -44.84 23.70
N GLY B 37 -0.95 -44.58 22.57
CA GLY B 37 -1.42 -43.27 22.14
C GLY B 37 -1.31 -43.00 20.65
N VAL B 38 -1.41 -41.73 20.31
CA VAL B 38 -1.28 -41.19 18.95
C VAL B 38 0.17 -41.11 18.53
N ASN B 39 0.45 -41.51 17.30
CA ASN B 39 1.75 -41.37 16.66
C ASN B 39 1.56 -40.82 15.24
N LEU B 40 2.40 -39.89 14.83
CA LEU B 40 2.33 -39.28 13.52
C LEU B 40 3.75 -38.98 13.04
N GLN B 41 4.24 -39.69 12.03
CA GLN B 41 5.48 -39.37 11.34
C GLN B 41 5.22 -39.13 9.86
N SER B 42 6.01 -38.29 9.22
CA SER B 42 5.79 -37.84 7.85
C SER B 42 7.09 -37.31 7.24
N MET B 43 7.05 -37.04 5.94
CA MET B 43 8.04 -36.22 5.26
C MET B 43 7.42 -35.04 4.52
N ASP B 44 8.17 -33.94 4.42
CA ASP B 44 7.82 -32.72 3.70
C ASP B 44 7.33 -32.96 2.27
N SER B 45 6.57 -32.00 1.72
CA SER B 45 6.26 -31.92 0.28
C SER B 45 7.46 -31.89 -0.67
N SER B 46 8.67 -31.65 -0.18
CA SER B 46 9.92 -31.60 -0.92
C SER B 46 10.98 -32.57 -0.37
N HIS B 47 10.58 -33.52 0.48
CA HIS B 47 11.46 -34.53 1.12
C HIS B 47 12.65 -33.99 1.91
N VAL B 48 12.68 -32.69 2.22
CA VAL B 48 13.77 -32.03 2.96
C VAL B 48 13.61 -32.05 4.47
N SER B 49 12.39 -32.15 5.01
CA SER B 49 12.11 -32.17 6.46
C SER B 49 11.35 -33.42 6.87
N LEU B 50 11.69 -33.98 8.02
CA LEU B 50 10.97 -35.07 8.67
C LEU B 50 10.22 -34.48 9.87
N VAL B 51 8.94 -34.78 10.03
CA VAL B 51 8.17 -34.40 11.22
C VAL B 51 7.82 -35.65 11.98
N GLN B 52 7.94 -35.64 13.30
CA GLN B 52 7.41 -36.70 14.15
C GLN B 52 6.65 -36.03 15.30
N LEU B 53 5.45 -36.50 15.58
CA LEU B 53 4.56 -36.02 16.62
C LEU B 53 4.05 -37.23 17.41
N THR B 54 4.08 -37.15 18.73
CA THR B 54 3.45 -38.16 19.57
C THR B 54 2.70 -37.53 20.72
N LEU B 55 1.60 -38.14 21.12
CA LEU B 55 0.81 -37.75 22.27
C LEU B 55 0.61 -38.96 23.18
N ARG B 56 0.93 -38.85 24.47
CA ARG B 56 0.75 -39.96 25.41
C ARG B 56 -0.71 -40.09 25.76
N SER B 57 -1.26 -41.30 25.73
CA SER B 57 -2.65 -41.52 26.13
C SER B 57 -2.94 -41.09 27.57
N GLU B 58 -1.98 -41.23 28.49
CA GLU B 58 -2.14 -40.80 29.89
C GLU B 58 -2.22 -39.28 30.06
N GLY B 59 -1.88 -38.49 29.05
CA GLY B 59 -2.14 -37.06 29.06
C GLY B 59 -3.58 -36.69 28.64
N PHE B 60 -4.23 -37.52 27.84
CA PHE B 60 -5.65 -37.34 27.55
C PHE B 60 -6.50 -37.56 28.79
N ASP B 61 -7.62 -36.84 28.91
CA ASP B 61 -8.51 -36.95 30.07
C ASP B 61 -9.38 -38.20 30.08
N THR B 62 -9.51 -38.83 28.93
CA THR B 62 -10.29 -40.05 28.73
C THR B 62 -9.78 -40.70 27.46
N TYR B 63 -9.48 -41.99 27.50
CA TYR B 63 -8.90 -42.70 26.37
C TYR B 63 -9.31 -44.17 26.39
N ARG B 64 -9.50 -44.77 25.22
CA ARG B 64 -9.75 -46.20 25.09
C ARG B 64 -9.41 -46.67 23.68
N CYS B 65 -8.49 -47.61 23.56
CA CYS B 65 -8.03 -48.19 22.30
C CYS B 65 -8.03 -49.71 22.39
N ASP B 66 -8.73 -50.39 21.49
CA ASP B 66 -8.86 -51.87 21.48
C ASP B 66 -8.23 -52.54 20.24
N ARG B 67 -7.87 -51.75 19.22
CA ARG B 67 -7.24 -52.21 17.97
C ARG B 67 -6.19 -51.19 17.55
N ASN B 68 -5.11 -51.64 16.96
CA ASN B 68 -4.08 -50.74 16.40
C ASN B 68 -4.49 -50.24 15.01
N LEU B 69 -5.44 -49.30 14.95
CA LEU B 69 -5.87 -48.65 13.72
C LEU B 69 -4.71 -47.94 13.02
N ALA B 70 -4.88 -47.72 11.73
CA ALA B 70 -4.12 -46.76 10.94
C ALA B 70 -5.11 -45.97 10.07
N MET B 71 -4.94 -44.67 9.92
CA MET B 71 -5.79 -43.85 9.06
C MET B 71 -5.05 -42.65 8.50
N GLY B 72 -5.44 -42.15 7.33
CA GLY B 72 -4.80 -41.01 6.71
C GLY B 72 -5.79 -39.90 6.35
N VAL B 73 -5.41 -38.64 6.54
CA VAL B 73 -6.31 -37.50 6.31
C VAL B 73 -5.61 -36.36 5.60
N ASN B 74 -6.36 -35.64 4.78
CA ASN B 74 -5.86 -34.42 4.16
C ASN B 74 -5.55 -33.38 5.24
N LEU B 75 -4.32 -32.91 5.37
CA LEU B 75 -3.99 -32.08 6.52
C LEU B 75 -4.59 -30.69 6.45
N THR B 76 -4.53 -30.03 5.29
CA THR B 76 -5.13 -28.69 5.16
C THR B 76 -6.62 -28.71 5.49
N SER B 77 -7.38 -29.72 5.05
CA SER B 77 -8.78 -29.87 5.42
C SER B 77 -8.98 -29.95 6.94
N MET B 78 -8.17 -30.73 7.65
CA MET B 78 -8.30 -30.82 9.10
C MET B 78 -7.85 -29.52 9.79
N SER B 79 -6.91 -28.76 9.24
CA SER B 79 -6.59 -27.44 9.80
C SER B 79 -7.74 -26.45 9.67
N LYS B 80 -8.45 -26.46 8.53
CA LYS B 80 -9.63 -25.64 8.29
C LYS B 80 -10.82 -26.08 9.14
N ILE B 81 -11.08 -27.38 9.29
CA ILE B 81 -12.18 -27.84 10.15
C ILE B 81 -11.94 -27.42 11.60
N LEU B 82 -10.69 -27.49 12.05
CA LEU B 82 -10.39 -27.17 13.43
C LEU B 82 -10.35 -25.65 13.68
N LYS B 83 -10.07 -24.85 12.65
CA LYS B 83 -10.05 -23.37 12.74
C LYS B 83 -11.36 -22.75 13.22
N CYS B 84 -12.49 -23.42 12.99
CA CYS B 84 -13.79 -22.91 13.38
C CYS B 84 -14.04 -22.96 14.90
N ALA B 85 -13.34 -23.84 15.64
CA ALA B 85 -13.56 -24.04 17.07
C ALA B 85 -13.03 -22.90 17.94
N GLY B 86 -13.68 -22.63 19.07
CA GLY B 86 -13.32 -21.55 19.99
C GLY B 86 -12.15 -21.92 20.90
N ASN B 87 -11.24 -21.00 21.17
CA ASN B 87 -9.96 -21.35 21.81
C ASN B 87 -10.09 -21.94 23.22
N GLU B 88 -11.17 -21.70 23.95
CA GLU B 88 -11.39 -22.25 25.29
C GLU B 88 -12.15 -23.58 25.30
N ASP B 89 -12.72 -24.02 24.19
CA ASP B 89 -13.67 -25.14 24.18
C ASP B 89 -13.00 -26.49 24.43
N ILE B 90 -13.84 -27.51 24.55
CA ILE B 90 -13.48 -28.89 24.89
C ILE B 90 -13.54 -29.73 23.64
N ILE B 91 -12.51 -30.54 23.40
CA ILE B 91 -12.46 -31.37 22.19
C ILE B 91 -12.66 -32.85 22.55
N THR B 92 -13.48 -33.53 21.77
CA THR B 92 -13.66 -34.97 21.83
C THR B 92 -13.41 -35.53 20.45
N LEU B 93 -12.60 -36.59 20.36
CA LEU B 93 -12.24 -37.25 19.10
C LEU B 93 -12.70 -38.70 19.18
N ARG B 94 -13.45 -39.14 18.18
CA ARG B 94 -14.07 -40.47 18.13
C ARG B 94 -13.77 -41.09 16.78
N ALA B 95 -13.51 -42.39 16.74
CA ALA B 95 -13.40 -43.11 15.48
C ALA B 95 -13.78 -44.59 15.63
N GLU B 96 -14.42 -45.13 14.60
CA GLU B 96 -14.72 -46.55 14.50
C GLU B 96 -13.58 -47.32 13.81
N ASP B 97 -13.42 -48.59 14.14
CA ASP B 97 -12.38 -49.47 13.58
C ASP B 97 -12.65 -49.86 12.12
N ASN B 98 -13.92 -49.94 11.72
CA ASN B 98 -14.35 -50.32 10.38
C ASN B 98 -14.68 -49.11 9.49
N ALA B 99 -15.47 -48.15 9.98
CA ALA B 99 -15.94 -47.01 9.20
C ALA B 99 -14.82 -45.98 9.00
N ASP B 100 -14.52 -45.65 7.74
CA ASP B 100 -13.45 -44.73 7.39
C ASP B 100 -13.93 -43.27 7.47
N THR B 101 -14.23 -42.80 8.67
CA THR B 101 -14.71 -41.42 8.93
C THR B 101 -14.22 -40.98 10.31
N LEU B 102 -13.81 -39.71 10.44
CA LEU B 102 -13.37 -39.14 11.72
C LEU B 102 -14.54 -38.39 12.36
N ALA B 103 -14.72 -38.49 13.67
CA ALA B 103 -15.71 -37.71 14.40
C ALA B 103 -15.03 -36.77 15.39
N LEU B 104 -15.25 -35.47 15.24
CA LEU B 104 -14.78 -34.41 16.15
C LEU B 104 -15.96 -33.70 16.79
N VAL B 105 -15.85 -33.40 18.08
CA VAL B 105 -16.83 -32.63 18.85
C VAL B 105 -16.12 -31.48 19.55
N PHE B 106 -16.77 -30.33 19.62
CA PHE B 106 -16.33 -29.08 20.22
C PHE B 106 -17.38 -28.64 21.26
N GLU B 107 -17.14 -28.99 22.52
CA GLU B 107 -18.01 -28.66 23.64
C GLU B 107 -17.65 -27.30 24.24
N ALA B 108 -18.54 -26.32 24.19
CA ALA B 108 -18.31 -25.06 24.92
C ALA B 108 -18.22 -25.32 26.45
N PRO B 109 -17.48 -24.50 27.20
CA PRO B 109 -17.25 -24.74 28.63
C PRO B 109 -18.53 -24.73 29.48
N ASN B 110 -19.54 -23.91 29.13
CA ASN B 110 -20.84 -23.88 29.81
C ASN B 110 -21.93 -24.75 29.15
N GLN B 111 -21.59 -25.55 28.13
CA GLN B 111 -22.49 -26.48 27.43
C GLN B 111 -23.72 -25.86 26.75
N GLU B 112 -23.72 -24.55 26.49
CA GLU B 112 -24.84 -23.83 25.86
C GLU B 112 -24.89 -23.97 24.33
N LYS B 113 -23.74 -24.29 23.71
CA LYS B 113 -23.57 -24.54 22.29
C LYS B 113 -22.74 -25.81 22.13
N VAL B 114 -23.22 -26.73 21.31
CA VAL B 114 -22.49 -27.95 20.97
C VAL B 114 -22.09 -27.88 19.52
N SER B 115 -20.80 -27.95 19.21
CA SER B 115 -20.30 -28.04 17.85
C SER B 115 -19.80 -29.44 17.58
N ASP B 116 -20.04 -30.01 16.40
CA ASP B 116 -19.41 -31.27 16.03
C ASP B 116 -19.34 -31.38 14.51
N TYR B 117 -18.34 -32.11 14.03
CA TYR B 117 -17.98 -32.22 12.63
C TYR B 117 -17.44 -33.61 12.32
N GLU B 118 -17.62 -34.05 11.08
CA GLU B 118 -17.13 -35.34 10.60
C GLU B 118 -16.40 -35.15 9.28
N MET B 119 -15.30 -35.88 9.08
CA MET B 119 -14.42 -35.66 7.93
C MET B 119 -13.98 -36.94 7.20
N LYS B 120 -13.70 -36.77 5.89
CA LYS B 120 -13.37 -37.83 4.95
C LYS B 120 -11.94 -38.32 5.15
N LEU B 121 -11.78 -39.56 5.57
CA LEU B 121 -10.49 -40.24 5.49
C LEU B 121 -10.17 -40.63 4.03
N MET B 122 -8.90 -40.89 3.71
CA MET B 122 -8.46 -41.51 2.44
C MET B 122 -7.31 -42.48 2.72
N ASP B 123 -7.10 -43.51 1.89
CA ASP B 123 -6.06 -44.51 2.17
C ASP B 123 -4.68 -44.07 1.67
N LEU B 124 -3.76 -43.79 2.60
CA LEU B 124 -2.46 -43.21 2.31
C LEU B 124 -1.30 -44.18 2.37
N ASP B 125 -0.50 -44.22 1.30
CA ASP B 125 0.65 -45.10 1.14
C ASP B 125 1.99 -44.49 1.60
N VAL B 126 1.97 -43.44 2.41
CA VAL B 126 3.19 -42.78 2.90
C VAL B 126 4.08 -43.73 3.68
N GLU B 127 5.36 -43.79 3.30
CA GLU B 127 6.36 -44.62 3.97
C GLU B 127 6.72 -44.11 5.38
N GLN B 128 7.41 -44.98 6.12
CA GLN B 128 7.96 -44.71 7.44
C GLN B 128 9.48 -44.91 7.42
N LEU B 129 10.21 -44.09 8.16
CA LEU B 129 11.68 -44.02 8.15
C LEU B 129 12.23 -43.80 9.57
N GLY B 130 12.00 -44.76 10.48
CA GLY B 130 12.27 -44.61 11.91
C GLY B 130 13.68 -44.15 12.23
N ILE B 131 13.81 -42.94 12.76
CA ILE B 131 15.12 -42.28 12.99
C ILE B 131 15.96 -43.13 13.96
N PRO B 132 17.21 -43.48 13.60
CA PRO B 132 18.14 -44.08 14.55
C PRO B 132 18.40 -43.12 15.71
N GLU B 133 18.66 -43.64 16.91
CA GLU B 133 18.81 -42.82 18.11
C GLU B 133 20.27 -42.70 18.55
N GLN B 134 20.66 -41.48 18.94
CA GLN B 134 22.03 -41.10 19.22
C GLN B 134 22.11 -39.90 20.17
N GLU B 135 23.32 -39.64 20.63
CA GLU B 135 23.72 -38.44 21.35
C GLU B 135 23.99 -37.26 20.40
N TYR B 136 24.19 -36.07 20.97
CA TYR B 136 24.51 -34.85 20.22
C TYR B 136 25.73 -34.12 20.81
N SER B 137 26.35 -33.24 20.03
CA SER B 137 27.48 -32.43 20.51
C SER B 137 27.02 -31.27 21.40
N CYS B 138 25.80 -30.79 21.19
CA CYS B 138 25.24 -29.66 21.94
C CYS B 138 23.73 -29.79 22.10
N VAL B 139 23.21 -29.14 23.14
CA VAL B 139 21.79 -28.96 23.40
C VAL B 139 21.56 -27.54 23.87
N VAL B 140 20.47 -26.94 23.40
CA VAL B 140 20.10 -25.55 23.67
C VAL B 140 18.67 -25.51 24.19
N LYS B 141 18.43 -24.81 25.29
CA LYS B 141 17.09 -24.44 25.75
C LYS B 141 17.00 -22.93 25.75
N MET B 142 15.99 -22.34 25.12
CA MET B 142 15.83 -20.88 25.12
C MET B 142 14.39 -20.48 24.79
N PRO B 143 13.99 -19.23 25.03
CA PRO B 143 12.63 -18.76 24.84
C PRO B 143 12.21 -18.82 23.38
N SER B 144 11.04 -19.38 23.11
CA SER B 144 10.54 -19.60 21.76
C SER B 144 10.30 -18.28 21.03
N GLY B 145 9.78 -17.28 21.73
CA GLY B 145 9.52 -15.96 21.17
C GLY B 145 10.79 -15.23 20.75
N GLU B 146 11.92 -15.52 21.40
CA GLU B 146 13.21 -14.97 20.97
C GLU B 146 13.76 -15.69 19.75
N PHE B 147 13.69 -17.02 19.69
CA PHE B 147 14.14 -17.72 18.49
C PHE B 147 13.33 -17.31 17.26
N ALA B 148 12.01 -17.20 17.39
CA ALA B 148 11.17 -16.69 16.31
C ALA B 148 11.60 -15.30 15.86
N ARG B 149 11.90 -14.41 16.81
CA ARG B 149 12.37 -13.06 16.50
C ARG B 149 13.66 -13.10 15.72
N ILE B 150 14.71 -13.78 16.19
CA ILE B 150 15.99 -13.79 15.47
C ILE B 150 15.90 -14.47 14.10
N CYS B 151 15.07 -15.48 13.94
CA CYS B 151 14.92 -16.14 12.65
C CYS B 151 14.14 -15.30 11.64
N ARG B 152 13.19 -14.49 12.10
CA ARG B 152 12.56 -13.48 11.26
C ARG B 152 13.57 -12.41 10.89
N ASP B 153 14.31 -11.92 11.87
CA ASP B 153 15.27 -10.82 11.66
C ASP B 153 16.36 -11.17 10.67
N LEU B 154 16.91 -12.39 10.69
CA LEU B 154 17.87 -12.79 9.68
C LEU B 154 17.26 -12.92 8.29
N SER B 155 15.97 -13.25 8.18
CA SER B 155 15.31 -13.49 6.89
C SER B 155 15.28 -12.26 5.96
N HIS B 156 15.41 -11.06 6.52
CA HIS B 156 15.57 -9.82 5.75
C HIS B 156 16.95 -9.62 5.14
N ILE B 157 18.00 -10.26 5.67
CA ILE B 157 19.36 -10.15 5.12
C ILE B 157 19.57 -11.11 3.96
N GLY B 158 19.51 -12.42 4.18
CA GLY B 158 19.88 -13.37 3.14
C GLY B 158 19.53 -14.83 3.37
N ASP B 159 19.48 -15.58 2.28
CA ASP B 159 18.66 -16.78 2.12
C ASP B 159 19.12 -18.00 2.94
N ALA B 160 20.32 -17.98 3.51
CA ALA B 160 20.84 -19.06 4.34
C ALA B 160 21.55 -18.53 5.58
N VAL B 161 21.34 -19.19 6.71
CA VAL B 161 22.04 -18.93 7.97
C VAL B 161 23.15 -19.96 8.13
N VAL B 162 24.27 -19.56 8.67
CA VAL B 162 25.27 -20.47 9.23
C VAL B 162 25.18 -20.29 10.74
N ILE B 163 24.95 -21.37 11.45
CA ILE B 163 24.78 -21.40 12.90
C ILE B 163 26.04 -21.98 13.54
N SER B 164 26.59 -21.21 14.47
CA SER B 164 27.84 -21.45 15.15
C SER B 164 27.60 -21.62 16.65
N CYS B 165 28.40 -22.46 17.29
CA CYS B 165 28.36 -22.71 18.72
C CYS B 165 29.76 -22.50 19.30
N ALA B 166 29.82 -22.02 20.53
CA ALA B 166 31.04 -21.85 21.31
C ALA B 166 30.76 -22.11 22.80
N LYS B 167 31.78 -22.34 23.62
CA LYS B 167 31.59 -22.60 25.06
C LYS B 167 30.83 -21.47 25.79
N ASP B 168 30.99 -20.24 25.34
CA ASP B 168 30.26 -19.07 25.86
C ASP B 168 28.82 -18.93 25.35
N GLY B 169 28.41 -19.65 24.31
CA GLY B 169 27.15 -19.32 23.64
C GLY B 169 27.00 -19.79 22.20
N VAL B 170 26.12 -19.11 21.48
CA VAL B 170 25.74 -19.46 20.11
C VAL B 170 25.73 -18.22 19.22
N LYS B 171 26.05 -18.42 17.95
CA LYS B 171 26.17 -17.40 16.92
C LYS B 171 25.29 -17.72 15.72
N PHE B 172 24.31 -16.87 15.46
CA PHE B 172 23.48 -16.96 14.24
C PHE B 172 24.06 -15.97 13.25
N SER B 173 24.55 -16.44 12.10
CA SER B 173 25.28 -15.58 11.14
C SER B 173 24.71 -15.70 9.74
N ALA B 174 24.51 -14.58 9.05
CA ALA B 174 23.99 -14.57 7.69
C ALA B 174 24.63 -13.49 6.84
N SER B 175 24.98 -13.81 5.61
CA SER B 175 25.31 -12.85 4.56
C SER B 175 24.13 -12.63 3.62
N GLY B 176 24.18 -11.59 2.80
CA GLY B 176 23.30 -11.44 1.65
C GLY B 176 23.59 -10.16 0.89
N GLU B 177 22.68 -9.76 0.01
CA GLU B 177 22.89 -8.58 -0.83
C GLU B 177 22.99 -7.28 -0.02
N LEU B 178 22.15 -7.11 1.00
CA LEU B 178 22.10 -5.88 1.79
C LEU B 178 23.32 -5.69 2.69
N GLY B 179 24.05 -6.76 3.02
CA GLY B 179 25.15 -6.71 3.95
C GLY B 179 25.47 -8.04 4.63
N ASN B 180 25.91 -7.95 5.87
CA ASN B 180 26.31 -9.07 6.72
C ASN B 180 25.90 -8.79 8.17
N GLY B 181 25.59 -9.82 8.95
CA GLY B 181 25.33 -9.68 10.37
C GLY B 181 25.41 -11.00 11.11
N ASN B 182 25.72 -10.95 12.40
CA ASN B 182 25.53 -12.09 13.29
C ASN B 182 25.05 -11.64 14.68
N ILE B 183 24.42 -12.56 15.41
CA ILE B 183 23.81 -12.32 16.72
C ILE B 183 24.34 -13.35 17.69
N LYS B 184 24.86 -12.90 18.84
CA LYS B 184 25.46 -13.75 19.87
C LYS B 184 24.58 -13.78 21.11
N LEU B 185 24.31 -14.98 21.61
CA LEU B 185 23.60 -15.24 22.85
C LEU B 185 24.45 -16.09 23.81
N SER B 186 24.38 -15.81 25.11
CA SER B 186 25.11 -16.50 26.18
C SER B 186 24.21 -16.77 27.40
N GLN B 187 24.63 -17.67 28.27
CA GLN B 187 23.82 -18.13 29.41
C GLN B 187 23.36 -16.98 30.30
N THR B 188 22.14 -17.08 30.84
CA THR B 188 21.51 -16.06 31.71
C THR B 188 21.51 -16.56 33.15
N SER B 189 22.02 -15.76 34.09
CA SER B 189 22.30 -16.19 35.48
C SER B 189 21.03 -16.55 36.26
N GLU B 194 13.53 -19.44 34.11
CA GLU B 194 12.49 -20.48 34.06
C GLU B 194 11.69 -20.48 32.75
N GLU B 195 11.70 -19.33 32.07
CA GLU B 195 11.09 -19.11 30.76
C GLU B 195 11.74 -17.97 29.97
N GLU B 196 12.51 -17.11 30.63
CA GLU B 196 13.36 -16.09 30.02
C GLU B 196 14.87 -16.34 30.23
N ALA B 197 15.25 -17.54 30.68
CA ALA B 197 16.64 -17.93 30.92
C ALA B 197 17.14 -18.97 29.90
N VAL B 198 18.08 -18.59 29.02
CA VAL B 198 18.70 -19.53 28.07
C VAL B 198 19.69 -20.44 28.77
N THR B 199 19.92 -21.62 28.22
CA THR B 199 20.86 -22.61 28.75
C THR B 199 21.44 -23.39 27.60
N ILE B 200 22.72 -23.76 27.70
CA ILE B 200 23.39 -24.64 26.76
C ILE B 200 24.22 -25.66 27.53
N GLU B 201 24.34 -26.85 26.97
CA GLU B 201 25.31 -27.86 27.41
C GLU B 201 26.00 -28.37 26.14
N MET B 202 27.32 -28.55 26.19
CA MET B 202 28.14 -28.85 25.02
C MET B 202 29.29 -29.79 25.34
N ASN B 203 29.68 -30.59 24.36
CA ASN B 203 30.85 -31.48 24.42
C ASN B 203 31.89 -31.20 23.31
N GLU B 204 31.51 -30.51 22.25
CA GLU B 204 32.44 -29.89 21.30
C GLU B 204 31.76 -28.72 20.58
N PRO B 205 32.44 -27.61 20.26
CA PRO B 205 31.88 -26.54 19.44
C PRO B 205 31.54 -27.03 18.03
N VAL B 206 30.50 -26.46 17.40
CA VAL B 206 30.02 -26.88 16.08
C VAL B 206 29.59 -25.67 15.23
N GLN B 207 29.60 -25.85 13.91
CA GLN B 207 29.37 -24.81 12.91
C GLN B 207 28.71 -25.45 11.69
N LEU B 208 27.45 -25.16 11.43
CA LEU B 208 26.64 -25.77 10.37
C LEU B 208 25.85 -24.71 9.61
N THR B 209 25.25 -25.04 8.47
CA THR B 209 24.41 -24.12 7.72
C THR B 209 23.04 -24.72 7.45
N PHE B 210 22.01 -23.89 7.38
CA PHE B 210 20.63 -24.29 7.19
C PHE B 210 19.84 -23.30 6.33
N ALA B 211 18.84 -23.82 5.62
CA ALA B 211 17.98 -23.01 4.77
C ALA B 211 16.99 -22.22 5.60
N LEU B 212 17.14 -20.90 5.61
CA LEU B 212 16.46 -20.06 6.59
C LEU B 212 14.93 -20.12 6.44
N ARG B 213 14.44 -20.28 5.20
CA ARG B 213 13.02 -20.49 4.91
C ARG B 213 12.44 -21.64 5.73
N TYR B 214 13.14 -22.78 5.82
CA TYR B 214 12.63 -23.92 6.56
C TYR B 214 12.59 -23.66 8.07
N LEU B 215 13.55 -22.92 8.62
CA LEU B 215 13.45 -22.51 10.01
C LEU B 215 12.27 -21.55 10.23
N ASN B 216 12.04 -20.60 9.32
CA ASN B 216 10.90 -19.70 9.46
C ASN B 216 9.58 -20.47 9.38
N PHE B 217 9.47 -21.50 8.56
CA PHE B 217 8.31 -22.39 8.62
C PHE B 217 8.25 -23.14 9.97
N PHE B 218 9.35 -23.67 10.46
CA PHE B 218 9.36 -24.40 11.72
C PHE B 218 8.88 -23.53 12.89
N THR B 219 9.31 -22.26 12.98
CA THR B 219 8.95 -21.39 14.12
C THR B 219 7.49 -20.94 14.17
N LYS B 220 6.63 -21.38 13.25
CA LYS B 220 5.16 -21.18 13.36
C LYS B 220 4.59 -21.73 14.66
N ALA B 221 5.22 -22.73 15.27
CA ALA B 221 4.77 -23.29 16.54
C ALA B 221 5.26 -22.54 17.81
N THR B 222 5.71 -21.29 17.73
CA THR B 222 6.10 -20.58 18.96
C THR B 222 5.04 -20.54 20.07
N PRO B 223 3.71 -20.40 19.85
CA PRO B 223 2.76 -20.41 20.96
C PRO B 223 2.45 -21.81 21.54
N LEU B 224 3.16 -22.88 21.14
CA LEU B 224 3.00 -24.22 21.73
C LEU B 224 3.71 -24.36 23.08
N SER B 225 4.83 -23.68 23.26
CA SER B 225 5.64 -23.80 24.47
C SER B 225 6.45 -22.53 24.70
N SER B 226 6.77 -22.20 25.94
CA SER B 226 7.67 -21.09 26.23
C SER B 226 9.10 -21.42 25.81
N THR B 227 9.52 -22.69 25.86
CA THR B 227 10.91 -23.11 25.60
C THR B 227 11.05 -23.99 24.37
N VAL B 228 11.90 -23.62 23.42
CA VAL B 228 12.32 -24.53 22.35
C VAL B 228 13.54 -25.30 22.79
N THR B 229 13.76 -26.46 22.21
CA THR B 229 15.00 -27.19 22.36
C THR B 229 15.65 -27.31 20.99
N LEU B 230 16.83 -26.73 20.81
CA LEU B 230 17.62 -26.77 19.57
C LEU B 230 18.75 -27.77 19.80
N SER B 231 18.93 -28.75 18.92
CA SER B 231 20.02 -29.70 19.07
C SER B 231 20.50 -30.27 17.74
N MET B 232 21.80 -30.54 17.63
CA MET B 232 22.42 -31.16 16.45
C MET B 232 23.81 -31.71 16.79
N SER B 233 24.40 -32.42 15.83
CA SER B 233 25.75 -32.98 15.90
C SER B 233 26.40 -32.98 14.52
N ALA B 234 27.63 -33.47 14.41
CA ALA B 234 28.40 -33.47 13.18
C ALA B 234 27.69 -34.14 11.99
N ASP B 235 27.32 -33.34 10.99
CA ASP B 235 26.66 -33.74 9.72
C ASP B 235 25.27 -34.40 9.81
N VAL B 236 24.74 -34.60 11.01
CA VAL B 236 23.41 -35.17 11.22
C VAL B 236 22.31 -34.10 11.21
N PRO B 237 21.04 -34.48 11.01
CA PRO B 237 19.95 -33.52 10.98
C PRO B 237 19.86 -32.67 12.25
N LEU B 238 19.52 -31.39 12.05
CA LEU B 238 19.10 -30.47 13.09
C LEU B 238 17.76 -30.94 13.66
N VAL B 239 17.67 -31.13 14.97
CA VAL B 239 16.41 -31.41 15.64
C VAL B 239 15.99 -30.19 16.42
N VAL B 240 14.81 -29.65 16.11
CA VAL B 240 14.14 -28.71 16.99
C VAL B 240 12.97 -29.41 17.61
N GLU B 241 12.89 -29.37 18.93
CA GLU B 241 11.90 -30.08 19.73
C GLU B 241 11.11 -29.08 20.57
N TYR B 242 9.82 -29.31 20.70
CA TYR B 242 8.93 -28.56 21.55
C TYR B 242 8.27 -29.51 22.53
N LYS B 243 8.32 -29.17 23.82
CA LYS B 243 7.54 -29.80 24.88
C LYS B 243 6.23 -29.04 25.06
N ILE B 244 5.17 -29.56 24.46
CA ILE B 244 3.79 -29.17 24.76
C ILE B 244 3.42 -29.53 26.20
N ALA B 245 2.40 -28.86 26.77
CA ALA B 245 2.09 -28.95 28.19
C ALA B 245 1.76 -30.37 28.64
N ASP B 246 2.72 -31.08 29.26
CA ASP B 246 2.67 -32.45 29.80
C ASP B 246 2.20 -33.58 28.85
N MET B 247 1.73 -33.24 27.64
CA MET B 247 0.99 -34.12 26.75
C MET B 247 1.88 -35.06 25.93
N GLY B 248 3.02 -34.58 25.48
CA GLY B 248 3.81 -35.21 24.42
C GLY B 248 4.89 -34.28 23.89
N HIS B 249 5.32 -34.51 22.66
CA HIS B 249 6.35 -33.69 22.03
C HIS B 249 6.19 -33.63 20.52
N LEU B 250 6.65 -32.52 19.98
CA LEU B 250 6.70 -32.25 18.56
C LEU B 250 8.13 -31.97 18.17
N LYS B 251 8.66 -32.60 17.13
CA LYS B 251 10.01 -32.30 16.65
C LYS B 251 10.07 -32.18 15.13
N TYR B 252 10.79 -31.19 14.65
CA TYR B 252 11.01 -30.95 13.23
C TYR B 252 12.46 -31.25 12.92
N TYR B 253 12.72 -32.03 11.87
CA TYR B 253 14.08 -32.38 11.44
C TYR B 253 14.45 -31.64 10.18
N LEU B 254 15.72 -31.27 10.08
CA LEU B 254 16.29 -30.74 8.85
C LEU B 254 17.76 -31.17 8.73
N ALA B 255 18.08 -32.02 7.75
CA ALA B 255 19.46 -32.35 7.44
C ALA B 255 20.27 -31.10 7.04
N PRO B 256 21.55 -31.00 7.43
CA PRO B 256 22.37 -29.83 7.17
C PRO B 256 22.50 -29.58 5.66
N LYS B 257 22.30 -28.34 5.22
CA LYS B 257 22.54 -27.96 3.82
C LYS B 257 24.03 -28.04 3.49
N ILE B 258 24.37 -28.38 2.25
CA ILE B 258 25.76 -28.47 1.76
C ILE B 258 25.89 -27.83 0.37
N MET C 4 -36.37 24.05 3.82
CA MET C 4 -35.17 24.41 4.58
C MET C 4 -34.90 23.31 5.61
N PHE C 5 -34.39 22.16 5.16
CA PHE C 5 -34.23 20.96 5.98
C PHE C 5 -33.07 21.09 6.97
N GLU C 6 -33.31 20.76 8.24
CA GLU C 6 -32.30 20.77 9.30
C GLU C 6 -32.44 19.51 10.17
N ALA C 7 -31.35 18.77 10.36
CA ALA C 7 -31.32 17.62 11.26
C ALA C 7 -30.02 17.57 12.06
N ARG C 8 -30.08 17.25 13.35
CA ARG C 8 -28.92 17.21 14.24
C ARG C 8 -28.94 15.93 15.07
N LEU C 9 -27.81 15.26 15.17
CA LEU C 9 -27.64 14.02 15.93
C LEU C 9 -26.36 14.07 16.76
N VAL C 10 -26.47 13.77 18.06
CA VAL C 10 -25.33 13.84 19.00
C VAL C 10 -24.51 12.56 19.08
N GLN C 11 -24.91 11.50 18.38
CA GLN C 11 -24.22 10.21 18.32
C GLN C 11 -23.84 9.89 16.88
N GLY C 12 -22.75 10.48 16.40
CA GLY C 12 -22.30 10.23 15.03
C GLY C 12 -21.97 8.76 14.77
N SER C 13 -21.61 7.99 15.80
CA SER C 13 -21.34 6.55 15.68
C SER C 13 -22.52 5.76 15.11
N ILE C 14 -23.77 6.14 15.40
CA ILE C 14 -24.92 5.49 14.78
C ILE C 14 -24.94 5.74 13.28
N LEU C 15 -24.83 6.99 12.84
CA LEU C 15 -24.91 7.31 11.42
C LEU C 15 -23.78 6.66 10.62
N LYS C 16 -22.56 6.62 11.18
CA LYS C 16 -21.42 5.90 10.60
C LYS C 16 -21.69 4.41 10.49
N LYS C 17 -22.14 3.77 11.56
CA LYS C 17 -22.38 2.33 11.58
C LYS C 17 -23.41 1.94 10.53
N VAL C 18 -24.55 2.63 10.49
CA VAL C 18 -25.60 2.27 9.53
C VAL C 18 -25.12 2.49 8.12
N LEU C 19 -24.38 3.55 7.84
CA LEU C 19 -23.85 3.77 6.50
C LEU C 19 -22.79 2.73 6.09
N GLU C 20 -21.96 2.27 7.03
CA GLU C 20 -21.01 1.18 6.79
C GLU C 20 -21.71 -0.16 6.53
N ALA C 21 -22.82 -0.44 7.22
CA ALA C 21 -23.60 -1.65 6.98
C ALA C 21 -24.16 -1.77 5.55
N LEU C 22 -24.21 -0.66 4.80
CA LEU C 22 -24.72 -0.58 3.44
C LEU C 22 -23.63 -0.36 2.39
N LYS C 23 -22.35 -0.23 2.76
CA LYS C 23 -21.29 0.28 1.87
C LYS C 23 -21.07 -0.51 0.58
N ASP C 24 -21.37 -1.80 0.60
CA ASP C 24 -21.17 -2.72 -0.51
C ASP C 24 -22.47 -3.39 -0.98
N LEU C 25 -23.39 -3.67 -0.06
CA LEU C 25 -24.64 -4.35 -0.37
C LEU C 25 -25.52 -3.56 -1.38
N ILE C 26 -25.46 -2.24 -1.35
CA ILE C 26 -26.31 -1.34 -2.15
C ILE C 26 -25.45 -0.28 -2.84
N ASN C 27 -25.73 0.03 -4.09
CA ASN C 27 -25.03 1.10 -4.80
C ASN C 27 -25.73 2.45 -4.65
N GLU C 28 -26.99 2.53 -5.08
CA GLU C 28 -27.80 3.74 -5.07
C GLU C 28 -29.00 3.58 -4.14
N ALA C 29 -29.37 4.65 -3.47
CA ALA C 29 -30.56 4.66 -2.65
C ALA C 29 -31.17 6.06 -2.60
N CYS C 30 -32.47 6.10 -2.31
CA CYS C 30 -33.20 7.33 -2.11
C CYS C 30 -33.70 7.44 -0.67
N TRP C 31 -33.61 8.64 -0.12
CA TRP C 31 -34.02 8.92 1.24
C TRP C 31 -35.41 9.50 1.26
N ASP C 32 -36.30 8.99 2.11
CA ASP C 32 -37.66 9.48 2.25
C ASP C 32 -37.75 10.48 3.42
N ILE C 33 -37.28 11.70 3.22
CA ILE C 33 -37.38 12.77 4.22
C ILE C 33 -38.83 13.27 4.31
N SER C 34 -39.37 13.26 5.51
CA SER C 34 -40.72 13.76 5.82
C SER C 34 -40.78 14.23 7.26
N SER C 35 -41.85 14.92 7.64
CA SER C 35 -42.07 15.46 8.98
C SER C 35 -41.89 14.43 10.12
N SER C 36 -42.16 13.15 9.85
CA SER C 36 -42.05 12.09 10.86
C SER C 36 -40.65 11.49 11.06
N GLY C 37 -39.64 11.84 10.25
CA GLY C 37 -38.28 11.30 10.37
C GLY C 37 -37.71 10.89 9.00
N VAL C 38 -36.75 9.96 9.02
CA VAL C 38 -36.07 9.44 7.84
C VAL C 38 -36.38 7.96 7.66
N ASN C 39 -36.58 7.52 6.43
CA ASN C 39 -36.81 6.12 6.08
C ASN C 39 -36.06 5.80 4.79
N LEU C 40 -35.76 4.52 4.58
CA LEU C 40 -35.07 4.03 3.40
C LEU C 40 -35.45 2.57 3.14
N GLN C 41 -36.02 2.28 1.99
CA GLN C 41 -36.16 0.91 1.50
C GLN C 41 -35.40 0.80 0.20
N SER C 42 -34.65 -0.28 0.01
CA SER C 42 -33.90 -0.51 -1.22
C SER C 42 -33.60 -2.00 -1.42
N MET C 43 -33.17 -2.37 -2.62
CA MET C 43 -32.83 -3.75 -2.95
C MET C 43 -31.36 -3.84 -3.42
N ASP C 44 -30.71 -4.97 -3.18
CA ASP C 44 -29.29 -5.19 -3.43
C ASP C 44 -28.88 -5.19 -4.91
N SER C 45 -27.57 -5.12 -5.17
CA SER C 45 -27.01 -5.06 -6.51
C SER C 45 -27.35 -6.24 -7.45
N SER C 46 -27.67 -7.41 -6.91
CA SER C 46 -28.00 -8.60 -7.70
C SER C 46 -29.48 -8.96 -7.58
N HIS C 47 -30.30 -8.10 -6.98
CA HIS C 47 -31.73 -8.26 -6.84
C HIS C 47 -32.15 -9.55 -6.13
N VAL C 48 -31.42 -9.95 -5.09
CA VAL C 48 -31.67 -11.13 -4.26
C VAL C 48 -32.28 -10.80 -2.89
N SER C 49 -32.04 -9.61 -2.35
CA SER C 49 -32.29 -9.21 -0.96
C SER C 49 -32.73 -7.76 -0.78
N LEU C 50 -33.88 -7.54 -0.14
CA LEU C 50 -34.35 -6.23 0.25
C LEU C 50 -33.81 -5.83 1.64
N VAL C 51 -33.52 -4.54 1.84
CA VAL C 51 -33.19 -3.94 3.15
C VAL C 51 -34.18 -2.82 3.50
N GLN C 52 -34.44 -2.64 4.79
CA GLN C 52 -35.30 -1.59 5.32
C GLN C 52 -34.54 -0.86 6.43
N LEU C 53 -34.49 0.46 6.38
CA LEU C 53 -33.92 1.32 7.42
C LEU C 53 -34.96 2.34 7.87
N THR C 54 -35.13 2.49 9.18
CA THR C 54 -36.08 3.46 9.73
C THR C 54 -35.39 4.31 10.78
N LEU C 55 -35.59 5.62 10.72
CA LEU C 55 -34.97 6.63 11.58
C LEU C 55 -36.04 7.57 12.14
N ARG C 56 -36.58 7.22 13.31
CA ARG C 56 -37.72 7.91 13.90
C ARG C 56 -37.32 9.32 14.30
N SER C 57 -38.14 10.32 13.97
CA SER C 57 -37.85 11.73 14.29
C SER C 57 -37.53 12.00 15.76
N GLU C 58 -38.06 11.21 16.69
CA GLU C 58 -37.74 11.29 18.11
C GLU C 58 -36.26 10.97 18.44
N GLY C 59 -35.60 10.17 17.60
CA GLY C 59 -34.17 9.88 17.73
C GLY C 59 -33.23 11.01 17.30
N PHE C 60 -33.76 12.13 16.79
CA PHE C 60 -32.99 13.29 16.38
C PHE C 60 -33.17 14.44 17.36
N ASP C 61 -32.07 14.95 17.92
CA ASP C 61 -32.13 15.91 19.03
C ASP C 61 -32.64 17.30 18.62
N THR C 62 -32.68 17.59 17.33
CA THR C 62 -33.39 18.73 16.76
C THR C 62 -33.69 18.42 15.30
N TYR C 63 -34.97 18.40 14.92
CA TYR C 63 -35.42 17.99 13.60
C TYR C 63 -36.35 19.05 13.02
N ARG C 64 -36.19 19.37 11.75
CA ARG C 64 -36.88 20.46 11.08
C ARG C 64 -37.05 20.12 9.61
N CYS C 65 -38.27 19.75 9.24
CA CYS C 65 -38.67 19.42 7.89
C CYS C 65 -39.90 20.27 7.48
N ASP C 66 -40.04 20.56 6.19
CA ASP C 66 -41.09 21.43 5.66
C ASP C 66 -42.09 20.73 4.73
N ARG C 67 -41.60 19.97 3.75
CA ARG C 67 -42.40 19.18 2.82
C ARG C 67 -41.74 17.85 2.53
N ASN C 68 -42.51 16.88 2.04
CA ASN C 68 -41.98 15.58 1.66
C ASN C 68 -40.86 15.74 0.61
N LEU C 69 -39.72 15.11 0.86
CA LEU C 69 -38.58 15.18 -0.03
C LEU C 69 -37.94 13.81 -0.22
N ALA C 70 -37.87 13.36 -1.47
CA ALA C 70 -36.93 12.35 -1.88
C ALA C 70 -35.62 13.01 -2.32
N MET C 71 -34.49 12.36 -2.06
CA MET C 71 -33.17 12.76 -2.55
C MET C 71 -32.36 11.54 -2.96
N GLY C 72 -31.37 11.73 -3.84
CA GLY C 72 -30.51 10.66 -4.34
C GLY C 72 -29.03 10.98 -4.18
N VAL C 73 -28.29 10.06 -3.56
CA VAL C 73 -26.83 10.11 -3.38
C VAL C 73 -26.27 8.70 -3.44
N ASN C 74 -25.06 8.55 -3.98
CA ASN C 74 -24.43 7.23 -4.07
C ASN C 74 -23.81 6.85 -2.73
N LEU C 75 -24.17 5.68 -2.18
CA LEU C 75 -23.74 5.32 -0.85
C LEU C 75 -22.23 5.23 -0.73
N THR C 76 -21.52 4.81 -1.77
CA THR C 76 -20.06 4.75 -1.73
C THR C 76 -19.43 6.10 -1.41
N SER C 77 -19.83 7.17 -2.11
CA SER C 77 -19.26 8.50 -1.86
C SER C 77 -19.70 9.06 -0.53
N MET C 78 -20.97 8.90 -0.14
CA MET C 78 -21.40 9.37 1.17
C MET C 78 -20.66 8.62 2.27
N SER C 79 -20.42 7.33 2.12
CA SER C 79 -19.62 6.55 3.05
C SER C 79 -18.19 7.09 3.12
N LYS C 80 -17.54 7.35 1.97
CA LYS C 80 -16.19 7.92 1.95
C LYS C 80 -16.07 9.25 2.70
N ILE C 81 -17.05 10.14 2.57
CA ILE C 81 -17.08 11.38 3.37
C ILE C 81 -17.27 11.05 4.84
N LEU C 82 -18.23 10.19 5.19
CA LEU C 82 -18.52 9.87 6.59
C LEU C 82 -17.32 9.19 7.26
N LYS C 83 -16.50 8.40 6.57
CA LYS C 83 -15.25 7.88 7.14
C LYS C 83 -14.23 8.96 7.57
N CYS C 84 -14.47 10.23 7.26
CA CYS C 84 -13.68 11.36 7.73
C CYS C 84 -14.21 12.01 9.03
N ALA C 85 -15.41 11.69 9.52
CA ALA C 85 -15.92 12.25 10.77
C ALA C 85 -15.29 11.58 12.00
N GLY C 86 -15.17 12.30 13.12
CA GLY C 86 -14.73 11.72 14.38
C GLY C 86 -15.84 10.90 15.04
N ASN C 87 -15.53 9.73 15.59
CA ASN C 87 -16.51 8.77 16.11
C ASN C 87 -17.34 9.26 17.31
N GLU C 88 -17.08 10.47 17.79
CA GLU C 88 -17.81 11.12 18.89
C GLU C 88 -18.28 12.55 18.55
N ASP C 89 -18.06 13.02 17.33
CA ASP C 89 -18.51 14.34 16.89
C ASP C 89 -20.02 14.45 16.90
N ILE C 90 -20.50 15.69 17.06
CA ILE C 90 -21.86 16.06 16.71
C ILE C 90 -21.94 16.14 15.19
N ILE C 91 -22.95 15.53 14.57
CA ILE C 91 -23.18 15.59 13.13
C ILE C 91 -24.48 16.32 12.88
N THR C 92 -24.55 17.13 11.83
CA THR C 92 -25.79 17.73 11.37
C THR C 92 -25.87 17.73 9.85
N LEU C 93 -27.07 17.48 9.33
CA LEU C 93 -27.38 17.50 7.90
C LEU C 93 -28.22 18.73 7.58
N ARG C 94 -27.88 19.40 6.49
CA ARG C 94 -28.55 20.61 6.02
C ARG C 94 -28.71 20.57 4.51
N ALA C 95 -29.85 21.01 4.03
CA ALA C 95 -30.06 21.23 2.60
C ALA C 95 -31.21 22.22 2.37
N GLU C 96 -31.25 22.81 1.18
CA GLU C 96 -32.32 23.69 0.73
C GLU C 96 -33.22 22.95 -0.27
N ASP C 97 -34.53 23.08 -0.12
CA ASP C 97 -35.52 22.21 -0.79
C ASP C 97 -35.40 22.22 -2.34
N ASN C 98 -34.83 23.28 -2.91
CA ASN C 98 -34.63 23.47 -4.34
C ASN C 98 -33.27 23.02 -4.91
N ALA C 99 -32.17 23.06 -4.15
CA ALA C 99 -30.82 22.81 -4.68
C ALA C 99 -30.41 21.33 -4.66
N ASP C 100 -29.49 20.97 -5.54
CA ASP C 100 -28.95 19.61 -5.70
C ASP C 100 -27.68 19.37 -4.87
N THR C 101 -27.59 19.96 -3.68
CA THR C 101 -26.40 19.87 -2.83
C THR C 101 -26.79 19.63 -1.36
N LEU C 102 -26.21 18.59 -0.77
CA LEU C 102 -26.39 18.22 0.63
C LEU C 102 -25.19 18.67 1.45
N ALA C 103 -25.37 19.48 2.48
CA ALA C 103 -24.32 19.88 3.40
C ALA C 103 -24.29 18.96 4.62
N LEU C 104 -23.17 18.30 4.87
CA LEU C 104 -22.93 17.57 6.10
C LEU C 104 -21.90 18.33 6.89
N VAL C 105 -22.30 18.86 8.04
CA VAL C 105 -21.41 19.60 8.93
C VAL C 105 -21.12 18.72 10.13
N PHE C 106 -19.86 18.62 10.51
CA PHE C 106 -19.43 17.95 11.73
C PHE C 106 -18.84 18.98 12.68
N GLU C 107 -19.02 18.77 13.97
CA GLU C 107 -18.49 19.63 15.03
C GLU C 107 -17.79 18.78 16.08
N ALA C 108 -16.65 19.27 16.56
CA ALA C 108 -15.91 18.61 17.62
C ALA C 108 -16.65 18.64 18.96
N PRO C 109 -16.31 17.79 19.93
CA PRO C 109 -16.90 17.86 21.26
C PRO C 109 -16.59 19.15 22.03
N ASN C 110 -15.59 19.93 21.59
CA ASN C 110 -15.15 21.20 22.18
C ASN C 110 -15.27 22.36 21.20
N GLU C 112 -14.16 24.01 18.58
CA GLU C 112 -13.09 24.79 17.96
C GLU C 112 -12.85 24.45 16.48
N LYS C 113 -13.24 23.23 16.08
CA LYS C 113 -13.01 22.63 14.77
C LYS C 113 -14.34 22.39 14.08
N VAL C 114 -14.64 23.19 13.07
CA VAL C 114 -15.85 23.03 12.27
C VAL C 114 -15.47 22.53 10.90
N SER C 115 -16.03 21.38 10.50
CA SER C 115 -15.72 20.77 9.22
C SER C 115 -16.98 20.46 8.46
N ASP C 116 -17.12 20.97 7.25
CA ASP C 116 -18.33 20.73 6.47
C ASP C 116 -18.01 20.37 5.03
N TYR C 117 -18.78 19.42 4.51
CA TYR C 117 -18.63 18.86 3.18
C TYR C 117 -19.95 18.95 2.45
N GLU C 118 -19.92 19.32 1.18
CA GLU C 118 -21.09 19.40 0.32
C GLU C 118 -21.07 18.28 -0.71
N MET C 119 -22.07 17.39 -0.64
CA MET C 119 -22.21 16.29 -1.58
C MET C 119 -23.26 16.64 -2.63
N LYS C 120 -22.88 16.52 -3.90
CA LYS C 120 -23.79 16.75 -5.03
C LYS C 120 -24.74 15.56 -5.16
N LEU C 121 -26.02 15.85 -5.23
CA LEU C 121 -27.06 14.86 -5.44
C LEU C 121 -27.04 14.32 -6.88
N MET C 122 -27.89 13.34 -7.15
CA MET C 122 -28.33 12.99 -8.50
C MET C 122 -29.81 12.58 -8.51
N ASP C 123 -30.54 12.93 -9.56
CA ASP C 123 -31.96 12.60 -9.68
C ASP C 123 -32.17 11.10 -9.93
N LEU C 124 -33.25 10.56 -9.37
CA LEU C 124 -33.72 9.19 -9.58
C LEU C 124 -35.26 9.16 -9.55
N ASP C 125 -35.82 8.15 -10.21
CA ASP C 125 -37.27 7.85 -10.27
C ASP C 125 -37.56 6.42 -9.79
N VAL C 126 -36.82 5.96 -8.78
CA VAL C 126 -36.85 4.57 -8.35
C VAL C 126 -38.22 4.14 -7.81
N GLU C 127 -38.53 2.87 -7.99
CA GLU C 127 -39.68 2.21 -7.39
C GLU C 127 -39.36 1.74 -5.95
N GLN C 128 -40.29 1.91 -5.00
CA GLN C 128 -40.20 1.29 -3.67
C GLN C 128 -41.26 0.21 -3.48
N LEU C 129 -40.81 -1.01 -3.21
CA LEU C 129 -41.65 -2.15 -2.83
C LEU C 129 -41.40 -2.50 -1.36
N GLY C 130 -42.48 -2.55 -0.58
CA GLY C 130 -42.46 -3.04 0.79
C GLY C 130 -42.51 -4.56 0.88
N ILE C 131 -42.83 -5.06 2.07
CA ILE C 131 -43.20 -6.45 2.26
C ILE C 131 -44.33 -6.56 3.30
N PRO C 132 -45.29 -7.49 3.11
CA PRO C 132 -46.38 -7.67 4.05
C PRO C 132 -45.86 -8.23 5.36
N GLU C 133 -46.42 -7.79 6.48
CA GLU C 133 -46.16 -8.38 7.78
C GLU C 133 -47.09 -9.58 8.03
N GLN C 134 -46.56 -10.63 8.65
CA GLN C 134 -47.30 -11.82 9.06
C GLN C 134 -46.66 -12.44 10.30
N GLU C 135 -47.43 -13.23 11.03
CA GLU C 135 -47.03 -13.84 12.30
C GLU C 135 -46.11 -15.05 12.09
N TYR C 136 -44.80 -14.85 12.15
CA TYR C 136 -43.81 -15.89 11.85
C TYR C 136 -43.95 -17.13 12.73
N SER C 137 -43.83 -18.31 12.16
CA SER C 137 -44.02 -19.56 12.90
C SER C 137 -42.85 -19.94 13.83
N CYS C 138 -41.61 -19.69 13.42
CA CYS C 138 -40.44 -19.92 14.27
C CYS C 138 -39.51 -18.71 14.29
N VAL C 139 -39.26 -18.19 15.49
CA VAL C 139 -38.43 -17.00 15.70
C VAL C 139 -37.40 -17.34 16.77
N VAL C 140 -36.17 -16.85 16.55
CA VAL C 140 -35.06 -16.99 17.47
C VAL C 140 -34.50 -15.62 17.76
N LYS C 141 -34.22 -15.30 19.01
CA LYS C 141 -33.44 -14.11 19.37
C LYS C 141 -32.21 -14.59 20.12
N MET C 142 -31.03 -14.22 19.65
CA MET C 142 -29.75 -14.76 20.13
C MET C 142 -28.61 -13.73 20.00
N PRO C 143 -27.47 -13.91 20.66
CA PRO C 143 -26.44 -12.87 20.70
C PRO C 143 -25.77 -12.68 19.35
N SER C 144 -25.50 -11.43 18.99
CA SER C 144 -25.02 -11.08 17.65
C SER C 144 -23.64 -11.65 17.34
N GLY C 145 -22.75 -11.71 18.34
CA GLY C 145 -21.43 -12.32 18.22
C GLY C 145 -21.51 -13.82 17.89
N GLU C 146 -22.34 -14.59 18.59
CA GLU C 146 -22.52 -16.00 18.27
C GLU C 146 -23.06 -16.21 16.85
N PHE C 147 -23.95 -15.33 16.37
CA PHE C 147 -24.44 -15.43 15.00
C PHE C 147 -23.36 -15.16 13.95
N ALA C 148 -22.53 -14.14 14.15
CA ALA C 148 -21.43 -13.88 13.23
C ALA C 148 -20.43 -15.03 13.23
N ARG C 149 -20.11 -15.60 14.40
CA ARG C 149 -19.22 -16.76 14.47
C ARG C 149 -19.79 -17.93 13.68
N ILE C 150 -21.03 -18.33 13.91
CA ILE C 150 -21.60 -19.50 13.21
C ILE C 150 -21.65 -19.33 11.69
N CYS C 151 -22.00 -18.14 11.19
CA CYS C 151 -22.03 -17.87 9.75
C CYS C 151 -20.66 -17.78 9.09
N ARG C 152 -19.62 -17.41 9.84
CA ARG C 152 -18.24 -17.46 9.36
C ARG C 152 -17.73 -18.89 9.37
N ASP C 153 -17.98 -19.61 10.45
CA ASP C 153 -17.55 -21.00 10.58
C ASP C 153 -18.12 -21.85 9.45
N LEU C 154 -19.43 -21.91 9.29
CA LEU C 154 -20.02 -22.86 8.32
C LEU C 154 -19.67 -22.53 6.87
N SER C 155 -19.44 -21.26 6.54
CA SER C 155 -19.01 -20.85 5.20
C SER C 155 -17.67 -21.46 4.76
N HIS C 156 -16.80 -21.87 5.68
CA HIS C 156 -15.59 -22.59 5.30
C HIS C 156 -15.86 -24.01 4.78
N ILE C 157 -16.97 -24.66 5.18
CA ILE C 157 -17.29 -25.99 4.69
C ILE C 157 -18.05 -25.96 3.38
N GLY C 158 -19.09 -25.14 3.25
CA GLY C 158 -19.87 -25.10 2.01
C GLY C 158 -20.77 -23.86 1.87
N ASP C 159 -21.17 -23.55 0.64
CA ASP C 159 -22.07 -22.43 0.35
C ASP C 159 -23.54 -22.67 0.75
N ALA C 160 -23.88 -23.88 1.19
CA ALA C 160 -25.21 -24.26 1.62
C ALA C 160 -25.28 -24.53 3.12
N VAL C 161 -26.25 -23.93 3.81
CA VAL C 161 -26.64 -24.29 5.17
C VAL C 161 -28.08 -24.75 5.17
N VAL C 162 -28.41 -25.72 6.00
CA VAL C 162 -29.78 -26.09 6.35
C VAL C 162 -30.00 -25.78 7.82
N ILE C 163 -31.18 -25.29 8.16
CA ILE C 163 -31.56 -25.01 9.55
C ILE C 163 -32.84 -25.76 9.86
N SER C 164 -32.94 -26.30 11.08
CA SER C 164 -34.16 -26.90 11.61
C SER C 164 -34.36 -26.50 13.06
N CYS C 165 -35.61 -26.46 13.50
CA CYS C 165 -35.98 -26.19 14.89
C CYS C 165 -36.51 -27.45 15.58
N ALA C 166 -36.21 -27.56 16.87
CA ALA C 166 -36.68 -28.62 17.75
C ALA C 166 -37.13 -28.04 19.10
N LYS C 167 -37.85 -28.86 19.88
CA LYS C 167 -38.49 -28.45 21.14
C LYS C 167 -37.54 -27.86 22.19
N ASP C 168 -36.27 -28.25 22.20
CA ASP C 168 -35.26 -27.74 23.14
C ASP C 168 -34.29 -26.69 22.55
N GLY C 169 -34.21 -26.56 21.22
CA GLY C 169 -33.05 -25.95 20.58
C GLY C 169 -33.07 -26.00 19.05
N VAL C 170 -32.61 -24.94 18.40
CA VAL C 170 -32.45 -24.83 16.94
C VAL C 170 -31.08 -25.34 16.51
N LYS C 171 -31.00 -26.02 15.36
CA LYS C 171 -29.79 -26.65 14.85
C LYS C 171 -29.44 -26.09 13.47
N PHE C 172 -28.18 -25.69 13.32
CA PHE C 172 -27.61 -25.18 12.09
C PHE C 172 -26.67 -26.24 11.52
N SER C 173 -26.90 -26.68 10.29
CA SER C 173 -26.22 -27.85 9.71
C SER C 173 -25.69 -27.53 8.32
N ALA C 174 -24.54 -28.05 7.97
CA ALA C 174 -23.95 -27.85 6.65
C ALA C 174 -23.17 -29.07 6.19
N SER C 175 -22.96 -29.19 4.89
CA SER C 175 -22.15 -30.24 4.30
C SER C 175 -21.38 -29.70 3.11
N GLY C 176 -20.19 -30.23 2.89
CA GLY C 176 -19.32 -29.79 1.81
C GLY C 176 -18.54 -30.94 1.20
N GLU C 177 -17.59 -30.61 0.34
CA GLU C 177 -16.74 -31.60 -0.33
C GLU C 177 -15.87 -32.36 0.66
N LEU C 178 -15.28 -31.63 1.62
CA LEU C 178 -14.27 -32.11 2.58
C LEU C 178 -14.83 -32.76 3.85
N GLY C 179 -16.13 -32.66 4.10
CA GLY C 179 -16.80 -33.20 5.27
C GLY C 179 -18.13 -32.52 5.53
N ASN C 180 -18.72 -32.79 6.68
CA ASN C 180 -19.97 -32.16 7.08
C ASN C 180 -19.97 -31.88 8.58
N GLY C 181 -20.89 -31.05 9.05
CA GLY C 181 -21.00 -30.78 10.47
C GLY C 181 -22.20 -29.91 10.80
N ASN C 182 -22.44 -29.73 12.08
CA ASN C 182 -23.59 -28.98 12.56
C ASN C 182 -23.31 -28.42 13.95
N ILE C 183 -24.05 -27.39 14.31
CA ILE C 183 -24.00 -26.77 15.61
C ILE C 183 -25.37 -26.86 16.26
N LYS C 184 -25.39 -27.40 17.46
CA LYS C 184 -26.54 -27.44 18.33
C LYS C 184 -26.55 -26.22 19.26
N LEU C 185 -27.73 -25.63 19.42
CA LEU C 185 -28.04 -24.65 20.45
C LEU C 185 -29.16 -25.20 21.31
N SER C 186 -29.24 -24.73 22.56
CA SER C 186 -30.31 -25.09 23.49
C SER C 186 -30.80 -23.86 24.25
N GLN C 187 -32.09 -23.82 24.60
CA GLN C 187 -32.63 -22.78 25.47
C GLN C 187 -31.84 -22.71 26.79
N THR C 188 -31.61 -21.52 27.34
CA THR C 188 -30.91 -21.38 28.64
C THR C 188 -31.81 -21.62 29.85
N GLU C 194 -27.16 -12.09 31.18
CA GLU C 194 -28.49 -12.44 30.67
C GLU C 194 -28.63 -12.25 29.16
N GLU C 195 -28.03 -11.20 28.58
CA GLU C 195 -28.10 -10.92 27.13
C GLU C 195 -27.54 -12.04 26.27
N GLU C 196 -26.59 -12.81 26.80
CA GLU C 196 -25.97 -13.95 26.15
C GLU C 196 -26.92 -15.14 25.96
N ALA C 197 -28.12 -15.11 26.56
CA ALA C 197 -29.09 -16.19 26.45
C ALA C 197 -29.92 -16.13 25.17
N VAL C 198 -29.93 -17.23 24.43
CA VAL C 198 -30.92 -17.46 23.37
C VAL C 198 -32.33 -17.60 23.90
N THR C 199 -33.34 -17.15 23.15
CA THR C 199 -34.75 -17.49 23.34
C THR C 199 -35.31 -18.02 22.03
N ILE C 200 -36.07 -19.11 22.14
CA ILE C 200 -36.75 -19.78 21.02
C ILE C 200 -38.22 -19.93 21.38
N GLU C 201 -39.10 -19.66 20.43
CA GLU C 201 -40.52 -20.02 20.51
C GLU C 201 -40.88 -20.89 19.30
N MET C 202 -41.78 -21.83 19.52
CA MET C 202 -42.15 -22.88 18.58
C MET C 202 -43.63 -22.80 18.27
N ASN C 203 -43.98 -23.04 17.01
CA ASN C 203 -45.36 -23.20 16.57
C ASN C 203 -45.52 -24.50 15.79
N GLU C 204 -44.67 -24.69 14.79
CA GLU C 204 -44.52 -25.94 14.06
C GLU C 204 -43.09 -26.09 13.51
N PRO C 205 -42.55 -27.32 13.44
CA PRO C 205 -41.19 -27.54 12.95
C PRO C 205 -40.99 -27.11 11.50
N VAL C 206 -39.89 -26.41 11.23
CA VAL C 206 -39.49 -25.96 9.89
C VAL C 206 -38.11 -26.49 9.51
N GLN C 207 -37.84 -26.60 8.21
CA GLN C 207 -36.53 -26.98 7.66
C GLN C 207 -36.28 -26.32 6.31
N LEU C 208 -35.39 -25.34 6.28
CA LEU C 208 -35.11 -24.49 5.12
C LEU C 208 -33.59 -24.39 4.88
N THR C 209 -33.21 -24.08 3.64
CA THR C 209 -31.83 -23.89 3.23
C THR C 209 -31.59 -22.46 2.76
N PHE C 210 -30.38 -21.94 2.97
CA PHE C 210 -30.05 -20.53 2.67
C PHE C 210 -28.66 -20.41 2.07
N ALA C 211 -28.39 -19.25 1.46
CA ALA C 211 -27.10 -18.92 0.90
C ALA C 211 -26.18 -18.23 1.92
N LEU C 212 -25.02 -18.81 2.20
CA LEU C 212 -24.10 -18.24 3.17
C LEU C 212 -23.68 -16.83 2.76
N ARG C 213 -23.31 -16.59 1.50
CA ARG C 213 -22.74 -15.31 1.05
C ARG C 213 -23.59 -14.13 1.48
N TYR C 214 -24.89 -14.16 1.19
CA TYR C 214 -25.75 -13.05 1.55
C TYR C 214 -25.97 -12.96 3.06
N LEU C 215 -25.98 -14.07 3.81
CA LEU C 215 -25.97 -13.99 5.27
C LEU C 215 -24.71 -13.32 5.80
N ASN C 216 -23.54 -13.61 5.26
CA ASN C 216 -22.32 -12.90 5.62
C ASN C 216 -22.46 -11.39 5.34
N PHE C 217 -22.94 -11.01 4.16
CA PHE C 217 -23.16 -9.61 3.81
C PHE C 217 -24.16 -8.92 4.74
N PHE C 218 -25.22 -9.59 5.19
CA PHE C 218 -26.15 -9.02 6.17
C PHE C 218 -25.54 -8.89 7.56
N THR C 219 -24.52 -9.69 7.86
CA THR C 219 -23.94 -9.77 9.20
C THR C 219 -22.92 -8.66 9.47
N LYS C 220 -22.63 -7.79 8.50
CA LYS C 220 -21.71 -6.65 8.67
C LYS C 220 -22.18 -5.60 9.68
N ALA C 221 -23.44 -5.59 10.10
CA ALA C 221 -23.98 -4.61 11.06
C ALA C 221 -24.06 -5.09 12.52
N THR C 222 -23.39 -6.17 12.91
CA THR C 222 -23.45 -6.63 14.31
C THR C 222 -23.14 -5.59 15.40
N PRO C 223 -22.21 -4.62 15.26
CA PRO C 223 -21.99 -3.61 16.29
C PRO C 223 -23.13 -2.62 16.51
N LEU C 224 -24.23 -2.67 15.76
CA LEU C 224 -25.40 -1.84 16.03
C LEU C 224 -26.17 -2.28 17.28
N SER C 225 -26.27 -3.58 17.57
CA SER C 225 -27.13 -4.10 18.63
C SER C 225 -26.47 -5.27 19.35
N SER C 226 -26.64 -5.36 20.68
CA SER C 226 -26.09 -6.47 21.47
C SER C 226 -26.61 -7.84 20.97
N THR C 227 -27.88 -7.91 20.62
CA THR C 227 -28.58 -9.12 20.16
C THR C 227 -29.37 -8.88 18.88
N VAL C 228 -29.71 -9.96 18.16
CA VAL C 228 -30.42 -9.94 16.89
C VAL C 228 -31.60 -10.89 16.93
N THR C 229 -32.60 -10.67 16.09
CA THR C 229 -33.76 -11.54 15.96
C THR C 229 -33.82 -12.16 14.56
N LEU C 230 -33.87 -13.49 14.48
CA LEU C 230 -34.05 -14.23 13.25
C LEU C 230 -35.51 -14.66 13.18
N SER C 231 -36.20 -14.19 12.15
CA SER C 231 -37.59 -14.53 11.85
C SER C 231 -37.67 -15.40 10.62
N MET C 232 -38.20 -16.61 10.75
CA MET C 232 -38.36 -17.53 9.63
C MET C 232 -39.65 -18.34 9.77
N SER C 233 -40.10 -18.95 8.68
CA SER C 233 -41.25 -19.85 8.68
C SER C 233 -41.24 -20.68 7.39
N ALA C 234 -42.09 -21.70 7.31
CA ALA C 234 -42.26 -22.48 6.10
C ALA C 234 -42.48 -21.60 4.84
N ASP C 235 -41.76 -21.93 3.77
CA ASP C 235 -41.91 -21.38 2.40
C ASP C 235 -41.82 -19.85 2.21
N VAL C 236 -41.33 -19.10 3.20
CA VAL C 236 -41.27 -17.63 3.18
C VAL C 236 -39.84 -17.10 3.35
N PRO C 237 -39.52 -15.89 2.86
CA PRO C 237 -38.25 -15.23 3.13
C PRO C 237 -37.95 -15.04 4.62
N LEU C 238 -36.71 -15.37 4.98
CA LEU C 238 -36.09 -15.06 6.25
C LEU C 238 -36.09 -13.55 6.48
N VAL C 239 -36.31 -13.13 7.71
CA VAL C 239 -36.07 -11.78 8.20
C VAL C 239 -34.98 -11.76 9.27
N VAL C 240 -33.93 -10.95 9.09
CA VAL C 240 -32.92 -10.69 10.11
C VAL C 240 -33.16 -9.30 10.67
N GLU C 241 -33.36 -9.18 11.97
CA GLU C 241 -33.80 -7.97 12.65
C GLU C 241 -32.75 -7.39 13.61
N TYR C 242 -32.42 -6.12 13.44
CA TYR C 242 -31.53 -5.34 14.30
C TYR C 242 -32.26 -4.12 14.86
N LYS C 243 -32.33 -3.95 16.16
CA LYS C 243 -32.95 -2.78 16.79
C LYS C 243 -31.90 -1.87 17.40
N ILE C 244 -31.85 -0.60 16.98
CA ILE C 244 -30.92 0.39 17.49
C ILE C 244 -31.47 0.98 18.79
N ALA C 245 -30.61 1.51 19.67
CA ALA C 245 -31.05 2.15 20.91
C ALA C 245 -32.00 3.34 20.67
N ASP C 246 -33.30 3.12 20.90
CA ASP C 246 -34.46 4.02 20.71
C ASP C 246 -34.65 4.69 19.33
N MET C 247 -33.65 4.67 18.44
CA MET C 247 -33.61 5.32 17.13
C MET C 247 -34.53 4.70 16.05
N GLY C 248 -34.64 3.37 16.00
CA GLY C 248 -35.25 2.66 14.88
C GLY C 248 -34.61 1.31 14.64
N HIS C 249 -34.86 0.69 13.49
CA HIS C 249 -34.44 -0.67 13.20
C HIS C 249 -33.82 -0.82 11.83
N LEU C 250 -32.97 -1.83 11.69
CA LEU C 250 -32.41 -2.32 10.45
C LEU C 250 -32.94 -3.72 10.21
N LYS C 251 -33.51 -4.01 9.03
CA LYS C 251 -34.06 -5.33 8.70
C LYS C 251 -33.64 -5.79 7.31
N TYR C 252 -33.34 -7.07 7.18
CA TYR C 252 -32.94 -7.72 5.92
C TYR C 252 -33.87 -8.86 5.57
N TYR C 253 -34.11 -9.13 4.29
CA TYR C 253 -34.95 -10.24 3.84
C TYR C 253 -34.23 -11.20 2.88
N LEU C 254 -34.43 -12.52 3.02
CA LEU C 254 -33.88 -13.52 2.07
C LEU C 254 -34.72 -14.79 1.95
N ALA C 255 -35.22 -15.09 0.75
CA ALA C 255 -35.97 -16.30 0.44
C ALA C 255 -35.10 -17.57 0.39
N PRO C 256 -35.64 -18.74 0.78
CA PRO C 256 -34.91 -20.00 0.73
C PRO C 256 -34.56 -20.44 -0.70
N LYS C 257 -33.67 -21.42 -0.83
CA LYS C 257 -33.52 -22.20 -2.08
C LYS C 257 -34.51 -23.38 -2.14
N ILE C 258 -34.94 -23.75 -3.33
CA ILE C 258 -36.09 -24.66 -3.54
C ILE C 258 -35.73 -26.10 -3.15
N MET D 4 37.84 7.98 12.14
CA MET D 4 36.80 6.99 12.53
C MET D 4 35.63 7.73 13.17
N PHE D 5 34.41 7.56 12.66
CA PHE D 5 33.20 8.22 13.14
C PHE D 5 32.39 7.30 14.04
N GLU D 6 31.90 7.81 15.16
CA GLU D 6 31.03 7.08 16.07
C GLU D 6 29.92 7.96 16.63
N ALA D 7 28.72 7.40 16.75
CA ALA D 7 27.56 8.01 17.40
C ALA D 7 26.80 6.96 18.22
N ARG D 8 26.38 7.32 19.44
CA ARG D 8 25.68 6.40 20.35
C ARG D 8 24.42 7.07 20.86
N LEU D 9 23.31 6.34 20.87
CA LEU D 9 22.01 6.87 21.22
C LEU D 9 21.20 5.84 22.02
N VAL D 10 20.59 6.26 23.13
CA VAL D 10 19.68 5.40 23.90
C VAL D 10 18.29 5.32 23.28
N GLN D 11 17.81 6.40 22.65
CA GLN D 11 16.47 6.49 22.04
C GLN D 11 16.42 5.88 20.63
N GLY D 12 16.48 4.56 20.50
CA GLY D 12 16.32 3.93 19.19
C GLY D 12 14.98 4.18 18.51
N SER D 13 13.94 4.46 19.30
CA SER D 13 12.64 4.91 18.79
C SER D 13 12.74 6.13 17.87
N ILE D 14 13.53 7.16 18.22
CA ILE D 14 13.55 8.37 17.39
C ILE D 14 14.29 8.13 16.08
N LEU D 15 15.39 7.37 16.06
CA LEU D 15 16.05 7.03 14.81
C LEU D 15 15.12 6.25 13.89
N LYS D 16 14.38 5.27 14.45
CA LYS D 16 13.38 4.53 13.70
C LYS D 16 12.32 5.46 13.13
N LYS D 17 11.75 6.34 13.96
CA LYS D 17 10.70 7.26 13.52
C LYS D 17 11.18 8.20 12.40
N VAL D 18 12.39 8.74 12.48
CA VAL D 18 12.95 9.61 11.44
C VAL D 18 13.06 8.85 10.13
N LEU D 19 13.66 7.66 10.10
CA LEU D 19 13.78 6.92 8.85
C LEU D 19 12.41 6.56 8.31
N GLU D 20 11.46 6.15 9.14
CA GLU D 20 10.09 5.93 8.68
C GLU D 20 9.40 7.18 8.15
N ALA D 21 9.84 8.38 8.54
CA ALA D 21 9.35 9.63 7.98
C ALA D 21 9.96 9.99 6.63
N LEU D 22 11.09 9.38 6.27
CA LEU D 22 11.84 9.68 5.06
C LEU D 22 11.85 8.55 4.03
N LYS D 23 11.68 7.29 4.44
CA LYS D 23 11.94 6.11 3.60
C LYS D 23 11.16 6.10 2.29
N ASP D 24 9.99 6.70 2.27
CA ASP D 24 9.08 6.72 1.13
C ASP D 24 9.23 7.97 0.25
N LEU D 25 9.73 9.08 0.79
CA LEU D 25 9.91 10.34 0.09
C LEU D 25 11.27 10.47 -0.62
N ILE D 26 12.35 9.93 -0.06
CA ILE D 26 13.70 10.05 -0.62
C ILE D 26 14.33 8.67 -0.73
N ASN D 27 14.85 8.27 -1.90
CA ASN D 27 15.48 6.97 -2.05
C ASN D 27 16.98 6.98 -1.68
N GLU D 28 17.71 8.00 -2.10
CA GLU D 28 19.15 8.15 -1.89
C GLU D 28 19.45 9.51 -1.26
N ALA D 29 20.21 9.57 -0.17
CA ALA D 29 20.42 10.83 0.54
C ALA D 29 21.85 11.02 1.02
N CYS D 30 22.31 12.28 1.00
CA CYS D 30 23.64 12.69 1.43
C CYS D 30 23.61 13.28 2.85
N TRP D 31 24.36 12.68 3.76
CA TRP D 31 24.52 13.13 5.12
C TRP D 31 25.74 14.03 5.22
N ASP D 32 25.64 15.14 5.96
CA ASP D 32 26.79 15.93 6.37
C ASP D 32 27.02 15.70 7.85
N ILE D 33 28.24 15.35 8.27
CA ILE D 33 28.52 15.06 9.67
C ILE D 33 29.60 16.01 10.16
N SER D 34 29.27 16.78 11.20
CA SER D 34 30.15 17.79 11.78
C SER D 34 30.05 17.78 13.30
N SER D 35 30.96 18.46 14.00
CA SER D 35 30.96 18.54 15.47
C SER D 35 29.62 18.97 16.04
N SER D 36 28.94 19.92 15.39
CA SER D 36 27.63 20.42 15.80
C SER D 36 26.54 19.36 15.73
N GLY D 37 26.67 18.35 14.87
CA GLY D 37 25.65 17.33 14.63
C GLY D 37 25.65 16.78 13.21
N VAL D 38 24.74 15.85 12.94
CA VAL D 38 24.47 15.35 11.59
C VAL D 38 23.40 16.19 10.94
N ASN D 39 23.57 16.42 9.65
CA ASN D 39 22.69 17.17 8.78
C ASN D 39 22.24 16.26 7.63
N LEU D 40 20.99 16.43 7.19
CA LEU D 40 20.50 15.89 5.93
C LEU D 40 19.79 17.01 5.19
N GLN D 41 20.08 17.17 3.91
CA GLN D 41 19.56 18.29 3.11
C GLN D 41 19.36 17.82 1.67
N SER D 42 18.22 17.17 1.43
CA SER D 42 17.99 16.41 0.22
C SER D 42 16.78 16.93 -0.54
N MET D 43 16.83 16.74 -1.85
CA MET D 43 15.68 16.85 -2.73
C MET D 43 14.88 15.54 -2.85
N ASP D 44 13.63 15.62 -3.28
CA ASP D 44 12.84 14.48 -3.74
C ASP D 44 13.05 14.20 -5.23
N SER D 45 12.66 13.03 -5.72
CA SER D 45 12.89 12.66 -7.12
C SER D 45 12.22 13.64 -8.09
N SER D 46 10.97 14.04 -7.85
CA SER D 46 10.25 15.01 -8.69
C SER D 46 10.77 16.46 -8.56
N HIS D 47 11.69 16.76 -7.64
CA HIS D 47 12.21 18.11 -7.42
C HIS D 47 11.08 19.12 -7.18
N VAL D 48 10.25 18.85 -6.17
CA VAL D 48 9.13 19.72 -5.74
C VAL D 48 9.22 20.03 -4.25
N SER D 49 9.75 19.11 -3.45
CA SER D 49 9.89 19.25 -2.00
C SER D 49 11.33 19.22 -1.53
N LEU D 50 11.66 20.09 -0.58
CA LEU D 50 12.97 20.15 0.04
C LEU D 50 12.85 19.60 1.45
N VAL D 51 13.65 18.62 1.83
CA VAL D 51 13.67 18.07 3.19
C VAL D 51 14.89 18.62 3.89
N GLN D 52 14.74 19.26 5.04
CA GLN D 52 15.85 19.84 5.79
C GLN D 52 15.86 19.28 7.21
N LEU D 53 16.92 18.60 7.64
CA LEU D 53 16.96 17.94 8.94
C LEU D 53 18.14 18.43 9.76
N THR D 54 18.08 18.40 11.08
CA THR D 54 19.19 18.77 11.94
C THR D 54 19.12 18.01 13.25
N LEU D 55 20.12 17.19 13.54
CA LEU D 55 20.27 16.47 14.80
C LEU D 55 21.55 16.95 15.46
N ARG D 56 21.44 17.92 16.37
CA ARG D 56 22.59 18.54 17.04
C ARG D 56 23.16 17.62 18.11
N SER D 57 24.47 17.61 18.26
CA SER D 57 25.18 16.64 19.07
C SER D 57 24.93 16.76 20.57
N GLU D 58 24.50 17.90 21.12
CA GLU D 58 24.40 18.04 22.59
C GLU D 58 23.36 17.08 23.18
N GLY D 59 22.35 16.73 22.38
CA GLY D 59 21.34 15.75 22.78
C GLY D 59 21.82 14.29 22.63
N PHE D 60 22.88 14.04 21.87
CA PHE D 60 23.45 12.70 21.73
C PHE D 60 24.08 12.26 23.05
N ASP D 61 23.94 10.99 23.39
CA ASP D 61 24.51 10.47 24.63
C ASP D 61 26.02 10.29 24.54
N THR D 62 26.54 10.05 23.33
CA THR D 62 27.97 10.14 23.03
C THR D 62 28.16 10.51 21.56
N TYR D 63 29.20 11.29 21.24
CA TYR D 63 29.48 11.74 19.87
C TYR D 63 30.98 11.85 19.63
N ARG D 64 31.44 11.57 18.40
CA ARG D 64 32.84 11.73 18.01
C ARG D 64 32.96 11.97 16.51
N CYS D 65 33.56 13.10 16.14
CA CYS D 65 33.83 13.49 14.77
C CYS D 65 35.20 14.16 14.70
N ASP D 66 36.26 13.34 14.66
CA ASP D 66 37.63 13.83 14.49
C ASP D 66 37.83 14.43 13.08
N ARG D 67 37.31 13.74 12.07
CA ARG D 67 37.33 14.10 10.66
C ARG D 67 35.93 14.47 10.18
N ASN D 68 35.81 15.62 9.50
CA ASN D 68 34.61 15.97 8.76
C ASN D 68 34.33 14.94 7.66
N LEU D 69 33.14 14.35 7.66
CA LEU D 69 32.70 13.31 6.73
C LEU D 69 31.36 13.69 6.08
N ALA D 70 31.16 13.31 4.82
CA ALA D 70 29.97 13.66 4.05
C ALA D 70 29.37 12.47 3.28
N MET D 71 29.16 11.34 3.97
CA MET D 71 28.68 10.09 3.36
C MET D 71 27.23 10.13 2.87
N GLY D 72 26.87 9.29 1.90
CA GLY D 72 25.48 9.05 1.56
C GLY D 72 25.15 7.55 1.65
N VAL D 73 23.86 7.23 1.77
CA VAL D 73 23.37 5.85 1.73
C VAL D 73 21.95 5.83 1.17
N ASN D 74 21.51 4.68 0.67
CA ASN D 74 20.12 4.52 0.23
C ASN D 74 19.21 4.24 1.42
N LEU D 75 18.14 5.02 1.57
CA LEU D 75 17.29 4.96 2.76
C LEU D 75 16.45 3.70 2.84
N THR D 76 16.06 3.07 1.73
CA THR D 76 15.24 1.86 1.76
C THR D 76 15.96 0.71 2.46
N SER D 77 17.20 0.39 2.06
CA SER D 77 17.98 -0.68 2.70
C SER D 77 18.39 -0.34 4.13
N MET D 78 18.59 0.93 4.46
CA MET D 78 18.78 1.29 5.85
C MET D 78 17.49 1.11 6.66
N SER D 79 16.32 1.44 6.12
CA SER D 79 15.07 1.18 6.81
C SER D 79 14.83 -0.33 7.00
N LYS D 80 15.12 -1.15 5.98
CA LYS D 80 15.03 -2.62 6.07
C LYS D 80 15.90 -3.20 7.19
N ILE D 81 17.13 -2.69 7.36
CA ILE D 81 18.04 -3.18 8.40
C ILE D 81 17.61 -2.72 9.79
N LEU D 82 16.99 -1.55 9.89
CA LEU D 82 16.67 -0.92 11.17
C LEU D 82 15.45 -1.53 11.86
N LYS D 83 14.56 -2.21 11.13
CA LYS D 83 13.43 -2.99 11.68
C LYS D 83 13.85 -4.21 12.54
N CYS D 84 15.14 -4.52 12.65
CA CYS D 84 15.63 -5.49 13.61
C CYS D 84 15.60 -4.99 15.06
N ALA D 85 15.75 -3.69 15.32
CA ALA D 85 15.88 -3.19 16.69
C ALA D 85 14.54 -3.20 17.45
N GLY D 86 14.58 -3.62 18.71
CA GLY D 86 13.47 -3.48 19.66
C GLY D 86 13.29 -2.03 20.11
N ASN D 87 12.08 -1.67 20.54
CA ASN D 87 11.66 -0.28 20.72
C ASN D 87 12.54 0.49 21.72
N GLU D 88 13.07 -0.17 22.73
CA GLU D 88 13.94 0.42 23.74
C GLU D 88 15.44 0.09 23.55
N ASP D 89 15.85 -0.53 22.44
CA ASP D 89 17.26 -0.83 22.20
C ASP D 89 18.13 0.41 22.09
N ILE D 90 19.36 0.28 22.57
CA ILE D 90 20.44 1.23 22.38
C ILE D 90 20.99 1.07 20.97
N ILE D 91 21.09 2.17 20.22
CA ILE D 91 21.56 2.16 18.85
C ILE D 91 22.97 2.75 18.82
N THR D 92 23.87 2.03 18.17
CA THR D 92 25.22 2.53 17.89
C THR D 92 25.40 2.64 16.38
N LEU D 93 25.86 3.81 15.93
CA LEU D 93 26.26 4.08 14.55
C LEU D 93 27.77 4.24 14.54
N ARG D 94 28.47 3.58 13.63
CA ARG D 94 29.88 3.89 13.38
C ARG D 94 30.28 3.69 11.93
N ALA D 95 31.25 4.46 11.48
CA ALA D 95 31.77 4.39 10.11
C ALA D 95 33.27 4.69 10.07
N GLU D 96 33.93 4.33 8.99
CA GLU D 96 35.35 4.65 8.75
C GLU D 96 35.51 5.76 7.71
N ASP D 97 36.44 6.68 7.95
CA ASP D 97 36.68 7.84 7.08
C ASP D 97 37.35 7.49 5.74
N ASN D 98 37.95 6.31 5.64
CA ASN D 98 38.60 5.79 4.44
C ASN D 98 37.72 4.80 3.65
N ALA D 99 37.13 3.81 4.32
CA ALA D 99 36.27 2.79 3.72
C ALA D 99 34.83 3.28 3.48
N ASP D 100 34.14 2.64 2.55
CA ASP D 100 32.73 2.88 2.23
C ASP D 100 31.81 1.82 2.86
N THR D 101 31.76 1.78 4.19
CA THR D 101 30.82 0.94 4.93
C THR D 101 30.39 1.56 6.27
N LEU D 102 29.13 1.30 6.67
CA LEU D 102 28.53 1.77 7.91
C LEU D 102 28.14 0.58 8.78
N ALA D 103 28.62 0.52 10.02
CA ALA D 103 28.28 -0.54 10.96
C ALA D 103 27.26 -0.05 11.98
N LEU D 104 26.16 -0.80 12.11
CA LEU D 104 25.17 -0.64 13.14
C LEU D 104 25.32 -1.79 14.13
N VAL D 105 25.40 -1.51 15.43
CA VAL D 105 25.33 -2.54 16.48
C VAL D 105 24.18 -2.19 17.42
N PHE D 106 23.25 -3.12 17.59
CA PHE D 106 22.05 -3.00 18.39
C PHE D 106 22.21 -3.69 19.72
N GLU D 107 22.09 -2.93 20.81
CA GLU D 107 22.24 -3.44 22.17
C GLU D 107 20.89 -3.46 22.88
N ALA D 108 20.48 -4.61 23.41
CA ALA D 108 19.25 -4.69 24.20
C ALA D 108 19.34 -3.86 25.50
N PRO D 109 18.21 -3.49 26.15
CA PRO D 109 18.23 -2.72 27.39
C PRO D 109 18.92 -3.48 28.53
N ASN D 110 18.57 -4.76 28.68
CA ASN D 110 19.32 -5.78 29.40
C ASN D 110 20.39 -6.39 28.48
N GLN D 111 21.53 -6.81 29.03
CA GLN D 111 22.75 -7.03 28.24
C GLN D 111 22.94 -8.43 27.64
N GLU D 112 21.90 -9.26 27.56
CA GLU D 112 22.05 -10.67 27.17
C GLU D 112 22.21 -10.94 25.67
N LYS D 113 21.71 -10.04 24.81
CA LYS D 113 21.72 -10.17 23.35
C LYS D 113 22.29 -8.91 22.72
N VAL D 114 23.12 -9.08 21.71
CA VAL D 114 23.66 -8.01 20.89
C VAL D 114 23.61 -8.40 19.42
N SER D 115 23.19 -7.47 18.58
CA SER D 115 23.06 -7.63 17.14
C SER D 115 24.02 -6.70 16.41
N ASP D 116 24.59 -7.09 15.28
CA ASP D 116 25.43 -6.20 14.48
C ASP D 116 25.10 -6.33 12.98
N TYR D 117 25.37 -5.26 12.24
CA TYR D 117 24.95 -5.11 10.86
C TYR D 117 25.87 -4.19 10.08
N GLU D 118 26.52 -4.72 9.06
CA GLU D 118 27.31 -3.95 8.12
C GLU D 118 26.48 -3.56 6.91
N MET D 119 25.99 -2.33 6.86
CA MET D 119 25.36 -1.75 5.68
C MET D 119 26.45 -1.23 4.72
N LYS D 120 26.23 -1.37 3.41
CA LYS D 120 27.15 -0.83 2.39
C LYS D 120 26.90 0.65 2.14
N LEU D 121 27.89 1.34 1.59
CA LEU D 121 27.91 2.79 1.45
C LEU D 121 28.45 3.18 0.06
N MET D 122 28.22 4.42 -0.36
CA MET D 122 28.74 4.98 -1.61
C MET D 122 28.87 6.50 -1.51
N ASP D 123 29.58 7.09 -2.46
CA ASP D 123 29.78 8.54 -2.55
C ASP D 123 28.97 9.16 -3.70
N LEU D 124 28.27 10.26 -3.43
CA LEU D 124 27.54 11.07 -4.41
C LEU D 124 27.73 12.57 -4.10
N ASP D 125 27.52 13.42 -5.10
CA ASP D 125 27.49 14.88 -4.95
C ASP D 125 26.18 15.43 -5.53
N VAL D 126 25.06 14.99 -4.93
CA VAL D 126 23.70 15.42 -5.27
C VAL D 126 23.62 16.96 -5.25
N GLU D 127 22.98 17.54 -6.26
CA GLU D 127 22.77 18.98 -6.32
C GLU D 127 22.04 19.51 -5.07
N GLN D 128 22.47 20.67 -4.61
CA GLN D 128 21.97 21.29 -3.38
C GLN D 128 21.56 22.74 -3.65
N LEU D 129 20.69 23.25 -2.80
CA LEU D 129 20.28 24.65 -2.77
C LEU D 129 20.15 25.15 -1.35
N GLY D 130 20.69 26.34 -1.07
CA GLY D 130 20.78 26.89 0.29
C GLY D 130 19.45 27.26 0.92
N ILE D 131 19.41 27.24 2.25
CA ILE D 131 18.23 27.61 3.04
C ILE D 131 17.86 29.08 2.77
N PRO D 132 16.67 29.40 2.26
CA PRO D 132 16.23 30.78 2.10
C PRO D 132 15.71 31.30 3.44
N GLU D 133 16.58 31.92 4.23
CA GLU D 133 16.16 32.56 5.47
C GLU D 133 15.32 33.79 5.14
N GLN D 134 14.12 33.89 5.69
CA GLN D 134 13.23 35.03 5.51
C GLN D 134 12.23 35.14 6.66
N GLU D 135 11.64 36.32 6.81
CA GLU D 135 10.43 36.52 7.61
C GLU D 135 9.24 35.78 6.98
N TYR D 136 8.21 35.54 7.77
CA TYR D 136 6.95 35.04 7.24
C TYR D 136 5.77 35.91 7.67
N SER D 137 4.88 36.26 6.74
CA SER D 137 3.64 36.98 7.09
C SER D 137 2.68 36.10 7.90
N CYS D 138 2.71 34.79 7.66
CA CYS D 138 1.79 33.81 8.22
C CYS D 138 2.55 32.78 9.06
N VAL D 139 2.04 32.47 10.24
CA VAL D 139 2.55 31.36 11.05
C VAL D 139 1.48 30.86 12.01
N VAL D 140 1.34 29.54 12.11
CA VAL D 140 0.42 28.88 13.02
C VAL D 140 1.11 27.74 13.74
N LYS D 141 0.78 27.59 15.01
CA LYS D 141 1.15 26.45 15.85
C LYS D 141 -0.13 25.71 16.18
N MET D 142 -0.23 24.46 15.76
CA MET D 142 -1.39 23.60 16.00
C MET D 142 -0.93 22.15 16.22
N PRO D 143 -1.70 21.30 16.91
CA PRO D 143 -1.20 19.99 17.29
C PRO D 143 -1.08 19.06 16.09
N SER D 144 -0.13 18.14 16.14
CA SER D 144 0.22 17.24 15.02
C SER D 144 -0.95 16.41 14.53
N GLY D 145 -1.69 15.77 15.43
CA GLY D 145 -2.81 14.89 15.10
C GLY D 145 -3.91 15.60 14.33
N GLU D 146 -4.17 16.88 14.61
CA GLU D 146 -5.18 17.62 13.86
C GLU D 146 -4.75 17.82 12.42
N PHE D 147 -3.50 18.18 12.16
CA PHE D 147 -3.04 18.31 10.78
C PHE D 147 -3.06 16.96 10.04
N ALA D 148 -2.67 15.88 10.71
CA ALA D 148 -2.75 14.54 10.15
C ALA D 148 -4.18 14.14 9.78
N ARG D 149 -5.13 14.34 10.69
CA ARG D 149 -6.54 14.15 10.40
C ARG D 149 -6.95 14.97 9.18
N ILE D 150 -6.64 16.27 9.16
CA ILE D 150 -7.05 17.17 8.08
C ILE D 150 -6.54 16.72 6.71
N CYS D 151 -5.26 16.38 6.59
CA CYS D 151 -4.73 15.92 5.31
C CYS D 151 -5.32 14.57 4.88
N ARG D 152 -5.42 13.63 5.83
CA ARG D 152 -5.97 12.32 5.54
C ARG D 152 -7.44 12.36 5.20
N ASP D 153 -8.17 13.34 5.70
CA ASP D 153 -9.56 13.58 5.33
C ASP D 153 -9.66 14.25 3.98
N LEU D 154 -9.03 15.42 3.76
CA LEU D 154 -9.14 16.13 2.49
C LEU D 154 -8.64 15.34 1.28
N SER D 155 -7.69 14.43 1.47
CA SER D 155 -7.17 13.53 0.43
C SER D 155 -8.21 12.56 -0.15
N HIS D 156 -9.37 12.38 0.48
CA HIS D 156 -10.48 11.61 -0.08
C HIS D 156 -11.44 12.43 -0.91
N ILE D 157 -11.51 13.75 -0.73
CA ILE D 157 -12.39 14.61 -1.51
C ILE D 157 -11.67 15.05 -2.78
N GLY D 158 -10.59 15.83 -2.64
CA GLY D 158 -10.04 16.61 -3.74
C GLY D 158 -8.69 16.13 -4.27
N ASP D 159 -7.83 17.09 -4.60
CA ASP D 159 -6.48 16.91 -5.13
C ASP D 159 -5.51 17.99 -4.67
N ALA D 160 -6.01 19.21 -4.46
CA ALA D 160 -5.29 20.33 -3.92
C ALA D 160 -5.94 20.86 -2.63
N VAL D 161 -5.13 21.37 -1.71
CA VAL D 161 -5.60 22.10 -0.53
C VAL D 161 -5.33 23.58 -0.77
N VAL D 162 -6.38 24.39 -0.73
CA VAL D 162 -6.31 25.84 -0.78
C VAL D 162 -6.33 26.34 0.64
N ILE D 163 -5.14 26.65 1.18
CA ILE D 163 -4.96 27.22 2.52
C ILE D 163 -5.23 28.73 2.50
N SER D 164 -5.76 29.26 3.60
CA SER D 164 -5.94 30.70 3.83
C SER D 164 -6.02 31.01 5.31
N CYS D 165 -5.81 32.27 5.68
CA CYS D 165 -5.86 32.73 7.07
C CYS D 165 -6.62 34.05 7.15
N ALA D 166 -7.37 34.24 8.23
CA ALA D 166 -8.25 35.38 8.48
C ALA D 166 -8.10 35.88 9.91
N LYS D 167 -8.56 37.10 10.19
CA LYS D 167 -8.56 37.65 11.55
C LYS D 167 -9.35 36.78 12.55
N ASP D 168 -10.27 35.93 12.07
CA ASP D 168 -10.98 34.93 12.87
C ASP D 168 -10.20 33.64 13.17
N GLY D 169 -9.29 33.23 12.29
CA GLY D 169 -8.67 31.89 12.34
C GLY D 169 -8.14 31.42 10.99
N VAL D 170 -7.82 30.13 10.88
CA VAL D 170 -7.37 29.50 9.64
C VAL D 170 -8.49 28.81 8.89
N LYS D 171 -8.27 28.52 7.60
CA LYS D 171 -9.19 27.72 6.79
C LYS D 171 -8.47 26.93 5.71
N PHE D 172 -8.52 25.61 5.81
CA PHE D 172 -8.20 24.68 4.73
C PHE D 172 -9.43 24.54 3.85
N SER D 173 -9.30 24.41 2.54
CA SER D 173 -10.43 24.09 1.66
C SER D 173 -9.96 23.22 0.51
N ALA D 174 -10.78 22.29 0.05
CA ALA D 174 -10.46 21.42 -1.06
C ALA D 174 -11.72 21.11 -1.86
N SER D 175 -11.59 20.80 -3.13
CA SER D 175 -12.71 20.47 -4.00
C SER D 175 -12.37 19.27 -4.88
N GLY D 176 -13.37 18.51 -5.27
CA GLY D 176 -13.20 17.21 -5.89
C GLY D 176 -14.42 16.74 -6.66
N GLU D 177 -14.32 15.57 -7.26
CA GLU D 177 -15.34 15.07 -8.18
C GLU D 177 -16.63 14.65 -7.46
N LEU D 178 -16.52 14.24 -6.21
CA LEU D 178 -17.67 13.85 -5.38
C LEU D 178 -18.31 15.00 -4.58
N GLY D 179 -17.67 16.18 -4.56
CA GLY D 179 -18.10 17.28 -3.72
C GLY D 179 -16.96 18.25 -3.40
N ASN D 180 -17.21 19.18 -2.49
CA ASN D 180 -16.17 20.09 -1.99
C ASN D 180 -16.36 20.34 -0.50
N GLY D 181 -15.32 20.79 0.18
CA GLY D 181 -15.42 21.11 1.60
C GLY D 181 -14.35 22.07 2.07
N ASN D 182 -14.56 22.62 3.26
CA ASN D 182 -13.55 23.39 3.95
C ASN D 182 -13.60 23.09 5.45
N ILE D 183 -12.52 23.37 6.15
CA ILE D 183 -12.42 23.19 7.58
C ILE D 183 -11.84 24.44 8.17
N LYS D 184 -12.43 24.96 9.23
CA LYS D 184 -12.00 26.17 9.89
C LYS D 184 -11.60 25.83 11.31
N LEU D 185 -10.49 26.37 11.77
CA LEU D 185 -10.12 26.37 13.18
C LEU D 185 -10.19 27.78 13.74
N SER D 186 -10.89 27.97 14.86
CA SER D 186 -10.90 29.26 15.55
C SER D 186 -9.73 29.41 16.51
N GLN D 187 -9.25 30.64 16.69
CA GLN D 187 -8.15 30.94 17.61
C GLN D 187 -8.51 30.67 19.07
N THR D 188 -7.66 29.95 19.81
CA THR D 188 -7.89 29.59 21.21
C THR D 188 -7.63 30.77 22.15
N GLU D 196 -1.32 22.10 23.45
CA GLU D 196 -2.61 21.51 23.08
C GLU D 196 -3.54 22.48 22.34
N ALA D 197 -3.22 23.78 22.32
CA ALA D 197 -4.01 24.85 21.71
C ALA D 197 -3.54 25.23 20.31
N VAL D 198 -4.34 26.04 19.60
CA VAL D 198 -3.92 26.72 18.36
C VAL D 198 -3.61 28.17 18.64
N THR D 199 -2.49 28.65 18.10
CA THR D 199 -2.07 30.05 18.20
C THR D 199 -1.57 30.51 16.84
N ILE D 200 -1.84 31.77 16.50
CA ILE D 200 -1.53 32.36 15.20
C ILE D 200 -0.84 33.70 15.43
N GLU D 201 0.23 33.98 14.68
CA GLU D 201 0.69 35.35 14.48
C GLU D 201 0.43 35.71 13.01
N MET D 202 -0.37 36.74 12.78
CA MET D 202 -0.94 37.05 11.48
C MET D 202 -0.69 38.50 11.08
N ASN D 203 -0.13 38.75 9.90
CA ASN D 203 0.17 40.11 9.44
C ASN D 203 -0.77 40.63 8.35
N GLU D 204 -1.14 39.77 7.40
CA GLU D 204 -2.08 40.08 6.32
C GLU D 204 -2.59 38.77 5.68
N PRO D 205 -3.89 38.61 5.42
CA PRO D 205 -4.43 37.44 4.74
C PRO D 205 -3.76 37.12 3.40
N VAL D 206 -3.73 35.83 3.06
CA VAL D 206 -3.17 35.31 1.80
C VAL D 206 -3.90 34.03 1.39
N GLN D 207 -3.81 33.70 0.10
CA GLN D 207 -4.30 32.44 -0.48
C GLN D 207 -3.14 31.70 -1.13
N LEU D 208 -3.14 30.38 -1.09
CA LEU D 208 -2.16 29.51 -1.75
C LEU D 208 -2.84 28.27 -2.30
N THR D 209 -2.08 27.34 -2.84
CA THR D 209 -2.60 26.04 -3.27
C THR D 209 -1.47 25.03 -3.12
N PHE D 210 -1.75 23.81 -2.65
CA PHE D 210 -0.73 22.78 -2.45
C PHE D 210 -1.25 21.39 -2.83
N ALA D 211 -0.33 20.50 -3.15
CA ALA D 211 -0.65 19.13 -3.54
C ALA D 211 -0.64 18.18 -2.34
N LEU D 212 -1.77 17.51 -2.07
CA LEU D 212 -1.90 16.67 -0.86
C LEU D 212 -0.93 15.50 -0.83
N ARG D 213 -0.50 14.96 -1.97
CA ARG D 213 0.45 13.84 -2.05
C ARG D 213 1.65 14.08 -1.16
N TYR D 214 2.29 15.23 -1.29
CA TYR D 214 3.46 15.52 -0.46
C TYR D 214 3.11 15.77 1.00
N LEU D 215 1.96 16.36 1.32
CA LEU D 215 1.55 16.51 2.71
C LEU D 215 1.30 15.17 3.38
N ASN D 216 0.67 14.21 2.71
CA ASN D 216 0.56 12.84 3.18
C ASN D 216 1.95 12.20 3.41
N PHE D 217 2.88 12.37 2.49
CA PHE D 217 4.23 11.86 2.64
C PHE D 217 4.90 12.48 3.86
N PHE D 218 4.83 13.79 4.04
CA PHE D 218 5.46 14.45 5.19
C PHE D 218 4.87 13.95 6.51
N THR D 219 3.55 13.83 6.59
CA THR D 219 2.86 13.66 7.87
C THR D 219 3.14 12.32 8.55
N LYS D 220 3.77 11.35 7.89
CA LYS D 220 4.28 10.15 8.51
C LYS D 220 5.25 10.42 9.66
N ALA D 221 5.84 11.61 9.75
CA ALA D 221 6.66 11.99 10.91
C ALA D 221 5.88 12.23 12.22
N THR D 222 4.54 12.21 12.19
CA THR D 222 3.67 12.51 13.33
C THR D 222 4.18 12.06 14.70
N PRO D 223 4.59 10.81 14.94
CA PRO D 223 5.03 10.37 16.26
C PRO D 223 6.35 10.99 16.76
N LEU D 224 7.04 11.82 15.97
CA LEU D 224 8.24 12.54 16.43
C LEU D 224 7.95 13.71 17.36
N SER D 225 6.83 14.41 17.17
CA SER D 225 6.45 15.54 18.02
C SER D 225 4.95 15.64 18.13
N SER D 226 4.45 16.10 19.27
CA SER D 226 3.03 16.31 19.47
C SER D 226 2.49 17.53 18.70
N THR D 227 3.34 18.43 18.20
CA THR D 227 2.94 19.70 17.55
C THR D 227 3.71 20.00 16.26
N VAL D 228 3.15 20.88 15.43
CA VAL D 228 3.71 21.28 14.13
C VAL D 228 3.56 22.79 13.98
N THR D 229 4.41 23.39 13.16
CA THR D 229 4.27 24.79 12.75
C THR D 229 4.18 24.87 11.25
N LEU D 230 3.09 25.46 10.74
CA LEU D 230 2.98 25.84 9.33
C LEU D 230 3.30 27.34 9.29
N SER D 231 4.35 27.70 8.58
CA SER D 231 4.71 29.10 8.35
C SER D 231 4.97 29.28 6.86
N MET D 232 4.63 30.44 6.34
CA MET D 232 4.50 30.67 4.90
C MET D 232 4.36 32.15 4.59
N SER D 233 4.38 32.51 3.32
CA SER D 233 4.15 33.87 2.81
C SER D 233 3.73 33.78 1.34
N ALA D 234 3.30 34.88 0.73
CA ALA D 234 2.97 34.88 -0.69
C ALA D 234 4.12 34.39 -1.59
N ASP D 235 3.80 33.64 -2.65
CA ASP D 235 4.71 33.26 -3.75
C ASP D 235 6.04 32.58 -3.36
N VAL D 236 6.13 32.02 -2.17
CA VAL D 236 7.31 31.30 -1.67
C VAL D 236 6.92 29.94 -1.10
N PRO D 237 7.84 28.96 -1.00
CA PRO D 237 7.55 27.68 -0.39
C PRO D 237 7.01 27.80 1.04
N LEU D 238 6.13 26.89 1.43
CA LEU D 238 5.63 26.75 2.79
C LEU D 238 6.51 25.78 3.58
N VAL D 239 6.69 26.02 4.88
CA VAL D 239 7.42 25.11 5.76
C VAL D 239 6.48 24.32 6.64
N VAL D 240 6.72 23.03 6.78
CA VAL D 240 6.13 22.18 7.81
C VAL D 240 7.24 21.79 8.78
N GLU D 241 7.16 22.23 10.04
CA GLU D 241 8.22 22.01 11.03
C GLU D 241 7.82 21.02 12.11
N TYR D 242 8.64 20.02 12.38
CA TYR D 242 8.53 19.16 13.56
C TYR D 242 9.78 19.34 14.40
N LYS D 243 9.66 19.78 15.64
CA LYS D 243 10.78 19.87 16.59
C LYS D 243 10.96 18.55 17.32
N ILE D 244 12.13 17.94 17.25
CA ILE D 244 12.43 16.72 18.01
C ILE D 244 12.68 17.12 19.47
N ALA D 245 12.34 16.25 20.42
CA ALA D 245 12.51 16.53 21.84
C ALA D 245 14.00 16.69 22.22
N ASP D 246 14.43 17.94 22.35
CA ASP D 246 15.73 18.36 22.88
C ASP D 246 16.96 17.76 22.19
N MET D 247 16.90 17.58 20.87
CA MET D 247 18.00 17.04 20.06
C MET D 247 18.09 17.66 18.66
N GLY D 248 17.05 18.33 18.17
CA GLY D 248 17.06 18.82 16.81
C GLY D 248 15.68 19.13 16.25
N HIS D 249 15.60 19.36 14.95
CA HIS D 249 14.35 19.64 14.25
C HIS D 249 14.37 19.09 12.84
N LEU D 250 13.19 19.01 12.25
CA LEU D 250 12.93 18.50 10.93
C LEU D 250 12.02 19.50 10.22
N LYS D 251 12.38 19.92 9.03
CA LYS D 251 11.59 20.81 8.18
C LYS D 251 11.28 20.11 6.89
N TYR D 252 10.11 20.42 6.35
CA TYR D 252 9.76 20.11 4.99
C TYR D 252 9.39 21.38 4.26
N TYR D 253 9.62 21.40 2.95
CA TYR D 253 9.20 22.46 2.06
C TYR D 253 8.34 21.90 0.94
N LEU D 254 7.37 22.68 0.50
CA LEU D 254 6.59 22.38 -0.69
C LEU D 254 6.42 23.65 -1.54
N ALA D 255 6.63 23.53 -2.85
CA ALA D 255 6.44 24.65 -3.76
C ALA D 255 4.96 24.90 -4.05
N PRO D 256 4.48 26.16 -4.02
CA PRO D 256 3.08 26.48 -4.26
C PRO D 256 2.71 26.27 -5.71
N LYS D 257 1.55 25.68 -5.99
CA LYS D 257 0.96 25.74 -7.33
C LYS D 257 0.47 27.16 -7.68
N ILE D 258 0.17 27.37 -8.95
CA ILE D 258 -0.30 28.62 -9.55
C ILE D 258 -1.13 28.37 -10.82
#